data_1TVK
#
_entry.id   1TVK
#
_cell.length_a   81.200
_cell.length_b   93.500
_cell.length_c   90.000
_cell.angle_alpha   90.00
_cell.angle_beta   90.00
_cell.angle_gamma   90.00
#
_symmetry.space_group_name_H-M   'P 1 21 1'
#
loop_
_entity.id
_entity.type
_entity.pdbx_description
1 polymer 'Tubulin alpha chain'
2 polymer 'Tubulin beta chain'
3 non-polymer "GUANOSINE-5'-TRIPHOSPHATE"
4 non-polymer "GUANOSINE-5'-DIPHOSPHATE"
5 non-polymer 'EPOTHILONE A'
#
loop_
_entity_poly.entity_id
_entity_poly.type
_entity_poly.pdbx_seq_one_letter_code
_entity_poly.pdbx_strand_id
1 'polypeptide(L)'
;MRECISIHVGQAGVQIGNACWELYCLEHGIQPDGQMPSDKTIGGGDDSFNTFFSETGAGKHVPRAVFVDLEPTVIDEVRT
GTYRQLFHPEQLITGKEDAANNYARGHYTIGKEIIDLVLDRIRKLADQCTGLQGFSVFHSFGGGTGSGFTSLLMERLSVD
YGKKSKLEFSIYPAPQVSTAVVEPYNSILTTHTTLEHSDCAFMVDNEAIYDICRRNLDIERPTYTNLNRLIGQIVSSITA
SLRFDGALNVDLTEFQTNLVPYPRGHFPLATYAPVISAEKAYHEQLSVAEITNACFEPANQMVKCDPRHGKYMACCLLYR
GDVVPKDVNAAIATIKTKRTIQFVDWCPTGFKVGINYEPPTVVPGGDLAKVQRAVCMLSNTTAIAEAWARLDHKFDLMYA
KRAFVHWYVGEGMEEGEFSEAREDMAALEKDYEEVGVDSV
;
A
2 'polypeptide(L)'
;MREIVHIQAGQCGNQIGAKFWEVISDEHGIDPTGSYHGDSDLQLERINVYYNEAAGNKYVPRAILVDLEPGTMDSVRSGP
FGQIFRPDNFVFGQSGAGNNWAKGHYTEGAELVDSVLDVVRKESESCDCLQGFQLTHSLGGGTGSGMGTLLISKIREEYP
DRIMNTFSVVPSPKVSDTVVEPYNATLSVHQLVENTDETYCIDNEALYDICFRTLKLTTPTYGDLNHLVSATMSGVTTCL
RFPGQLNADLRKLAVNMVPFPRLHFFMPGFAPLTSRGSQQYRALTVPELTQQMFDAKNMMAACDPRHGRYLTVAAVFRGR
MSMKEVDEQMLNVQNKNSSYFVEWIPNNVKTAVCDIPPRGLKMSATFIGNSTAIQELFKRISEQFTAMFRRKAFLHWYTG
EGMDEMEFTEAESNMNDLVSEYQQYQD
;
B
#
# COMPACT_ATOMS: atom_id res chain seq x y z
N ARG A 2 -23.08 27.91 -10.30
CA ARG A 2 -23.19 27.26 -11.64
C ARG A 2 -21.97 26.39 -11.91
N GLU A 3 -20.96 26.45 -11.05
CA GLU A 3 -19.77 25.65 -11.25
C GLU A 3 -19.46 24.70 -10.10
N CYS A 4 -18.99 23.52 -10.46
CA CYS A 4 -18.66 22.47 -9.50
C CYS A 4 -17.19 22.12 -9.39
N ILE A 5 -16.59 22.44 -8.25
CA ILE A 5 -15.19 22.15 -8.02
C ILE A 5 -14.92 20.68 -7.72
N SER A 6 -13.83 20.15 -8.26
CA SER A 6 -13.47 18.74 -8.06
C SER A 6 -12.12 18.58 -7.35
N ILE A 7 -12.08 17.77 -6.29
CA ILE A 7 -10.87 17.52 -5.53
C ILE A 7 -10.49 16.04 -5.67
N HIS A 8 -9.24 15.75 -6.03
CA HIS A 8 -8.80 14.37 -6.20
C HIS A 8 -7.57 14.06 -5.36
N VAL A 9 -7.77 13.28 -4.30
CA VAL A 9 -6.68 12.95 -3.38
C VAL A 9 -6.33 11.49 -3.21
N GLY A 10 -5.06 11.23 -2.93
CA GLY A 10 -4.59 9.86 -2.75
C GLY A 10 -4.64 9.09 -4.04
N GLN A 11 -3.75 8.12 -4.20
CA GLN A 11 -3.68 7.31 -5.39
C GLN A 11 -5.09 7.06 -5.91
N ALA A 12 -5.94 6.43 -5.10
CA ALA A 12 -7.31 6.18 -5.55
C ALA A 12 -7.82 7.47 -6.14
N GLY A 13 -8.07 8.45 -5.27
CA GLY A 13 -8.57 9.73 -5.71
C GLY A 13 -7.96 10.22 -7.02
N VAL A 14 -6.64 10.23 -7.12
CA VAL A 14 -6.01 10.70 -8.35
C VAL A 14 -6.19 9.67 -9.44
N GLN A 15 -6.55 8.45 -9.05
CA GLN A 15 -6.77 7.37 -9.99
C GLN A 15 -8.21 7.35 -10.50
N ILE A 16 -9.11 6.94 -9.61
CA ILE A 16 -10.52 6.88 -9.90
C ILE A 16 -10.85 8.10 -10.73
N GLY A 17 -10.44 9.26 -10.23
CA GLY A 17 -10.69 10.50 -10.93
C GLY A 17 -10.06 10.64 -12.29
N ASN A 18 -8.79 10.26 -12.42
CA ASN A 18 -8.10 10.36 -13.71
C ASN A 18 -8.83 9.54 -14.76
N ALA A 19 -9.83 8.78 -14.32
CA ALA A 19 -10.63 7.97 -15.21
C ALA A 19 -11.99 8.62 -15.44
N CYS A 20 -12.46 9.38 -14.46
CA CYS A 20 -13.74 10.08 -14.60
C CYS A 20 -13.46 11.37 -15.36
N TRP A 21 -12.27 11.91 -15.14
CA TRP A 21 -11.86 13.13 -15.82
C TRP A 21 -11.29 12.79 -17.19
N GLU A 22 -11.32 11.51 -17.54
CA GLU A 22 -10.85 11.01 -18.83
C GLU A 22 -12.04 10.78 -19.79
N LEU A 23 -13.20 10.40 -19.23
CA LEU A 23 -14.39 10.19 -20.05
C LEU A 23 -15.04 11.55 -20.24
N TYR A 24 -14.74 12.44 -19.31
CA TYR A 24 -15.29 13.78 -19.36
C TYR A 24 -15.01 14.41 -20.71
N CYS A 25 -13.82 14.96 -20.87
CA CYS A 25 -13.43 15.59 -22.12
C CYS A 25 -13.82 14.65 -23.24
N LEU A 26 -13.67 13.35 -22.99
CA LEU A 26 -14.04 12.39 -24.01
C LEU A 26 -15.41 12.74 -24.52
N GLU A 27 -16.40 12.82 -23.63
CA GLU A 27 -17.74 13.13 -24.10
C GLU A 27 -17.99 14.60 -24.21
N HIS A 28 -16.93 15.36 -24.45
CA HIS A 28 -17.08 16.78 -24.65
C HIS A 28 -16.25 17.21 -25.87
N GLY A 29 -15.94 16.19 -26.69
CA GLY A 29 -15.20 16.34 -27.93
C GLY A 29 -14.04 17.32 -27.98
N ILE A 30 -13.09 17.19 -27.06
CA ILE A 30 -11.95 18.10 -27.03
C ILE A 30 -10.68 17.41 -26.50
N GLN A 31 -9.89 16.92 -27.45
CA GLN A 31 -8.63 16.21 -27.25
C GLN A 31 -7.66 16.79 -26.19
N PRO A 32 -6.55 16.07 -25.86
CA PRO A 32 -5.50 16.39 -24.89
C PRO A 32 -5.17 17.84 -24.50
N ASP A 33 -5.04 18.74 -25.47
CA ASP A 33 -4.74 20.14 -25.14
C ASP A 33 -5.67 21.11 -25.90
N GLY A 34 -6.61 20.56 -26.66
CA GLY A 34 -7.51 21.40 -27.41
C GLY A 34 -8.29 22.32 -26.50
N HIS A 61 -10.08 23.78 -23.43
CA HIS A 61 -10.12 24.94 -22.55
C HIS A 61 -9.16 24.74 -21.39
N VAL A 62 -9.71 24.47 -20.21
CA VAL A 62 -8.93 24.24 -18.98
C VAL A 62 -9.80 23.41 -18.03
N PRO A 63 -9.20 22.50 -17.24
CA PRO A 63 -9.97 21.68 -16.30
C PRO A 63 -10.51 22.53 -15.15
N ARG A 64 -10.87 21.89 -14.04
CA ARG A 64 -11.44 22.61 -12.91
C ARG A 64 -11.37 21.83 -11.59
N ALA A 65 -10.24 21.16 -11.33
CA ALA A 65 -10.07 20.38 -10.10
C ALA A 65 -8.80 20.75 -9.33
N VAL A 66 -8.06 19.73 -8.89
CA VAL A 66 -6.79 19.87 -8.14
C VAL A 66 -6.41 18.55 -7.44
N PHE A 67 -5.31 17.94 -7.88
CA PHE A 67 -4.86 16.68 -7.31
C PHE A 67 -3.80 16.84 -6.22
N VAL A 68 -3.89 16.00 -5.18
CA VAL A 68 -2.94 16.09 -4.07
C VAL A 68 -2.58 14.72 -3.45
N ASP A 69 -1.30 14.54 -3.13
CA ASP A 69 -0.80 13.31 -2.51
C ASP A 69 0.44 13.71 -1.71
N LEU A 70 0.86 12.83 -0.80
CA LEU A 70 2.03 13.08 0.05
C LEU A 70 3.04 11.94 -0.19
N GLU A 71 3.03 11.47 -1.43
CA GLU A 71 3.86 10.39 -1.94
C GLU A 71 3.79 10.57 -3.46
N PRO A 72 4.80 11.26 -4.03
CA PRO A 72 4.92 11.55 -5.47
C PRO A 72 4.44 10.53 -6.53
N THR A 73 5.35 9.68 -7.01
CA THR A 73 5.08 8.68 -8.04
C THR A 73 3.66 8.54 -8.60
N VAL A 74 2.65 8.43 -7.75
CA VAL A 74 1.29 8.33 -8.27
C VAL A 74 0.91 9.58 -9.02
N ILE A 75 0.91 10.70 -8.32
CA ILE A 75 0.53 11.97 -8.95
C ILE A 75 1.43 12.12 -10.16
N ASP A 76 2.71 11.80 -9.97
CA ASP A 76 3.70 11.91 -11.04
C ASP A 76 3.36 11.02 -12.22
N GLU A 77 2.65 9.92 -11.98
CA GLU A 77 2.29 9.03 -13.07
C GLU A 77 1.18 9.64 -13.93
N VAL A 78 0.69 10.80 -13.52
CA VAL A 78 -0.31 11.53 -14.29
C VAL A 78 0.55 12.46 -15.15
N ARG A 79 1.11 13.46 -14.47
CA ARG A 79 1.96 14.48 -15.07
C ARG A 79 3.21 13.83 -15.64
N THR A 80 3.01 12.91 -16.57
CA THR A 80 4.12 12.22 -17.19
C THR A 80 3.53 11.27 -18.24
N GLY A 81 2.23 11.41 -18.47
CA GLY A 81 1.55 10.57 -19.43
C GLY A 81 0.29 11.24 -19.93
N THR A 82 -0.66 10.43 -20.40
CA THR A 82 -1.92 10.95 -20.93
C THR A 82 -2.55 11.96 -19.98
N TYR A 83 -3.06 13.04 -20.57
CA TYR A 83 -3.70 14.13 -19.84
C TYR A 83 -2.73 15.02 -19.06
N ARG A 84 -1.50 14.55 -18.93
CA ARG A 84 -0.49 15.32 -18.21
C ARG A 84 -0.62 16.83 -18.47
N GLN A 85 -0.95 17.20 -19.70
CA GLN A 85 -1.06 18.62 -20.03
C GLN A 85 -2.45 19.24 -19.96
N LEU A 86 -3.41 18.51 -19.39
CA LEU A 86 -4.77 19.04 -19.26
C LEU A 86 -5.01 19.57 -17.84
N PHE A 87 -3.92 19.79 -17.11
CA PHE A 87 -3.96 20.29 -15.74
C PHE A 87 -2.77 21.23 -15.54
N HIS A 88 -2.98 22.32 -14.81
CA HIS A 88 -1.90 23.28 -14.52
C HIS A 88 -1.13 22.76 -13.32
N PRO A 89 0.19 22.69 -13.43
CA PRO A 89 1.02 22.21 -12.32
C PRO A 89 0.67 22.81 -10.95
N GLU A 90 -0.07 23.92 -10.97
CA GLU A 90 -0.45 24.55 -9.71
C GLU A 90 -1.45 23.64 -9.01
N GLN A 91 -2.44 23.17 -9.77
CA GLN A 91 -3.46 22.28 -9.23
C GLN A 91 -2.83 21.01 -8.66
N LEU A 92 -1.94 20.40 -9.45
CA LEU A 92 -1.27 19.16 -9.06
C LEU A 92 -0.41 19.21 -7.81
N ILE A 93 -0.96 19.72 -6.70
CA ILE A 93 -0.19 19.78 -5.48
C ILE A 93 0.32 18.37 -5.22
N THR A 94 1.53 18.26 -4.68
CA THR A 94 2.13 16.97 -4.41
C THR A 94 3.16 17.12 -3.30
N GLY A 95 3.30 16.11 -2.46
CA GLY A 95 4.24 16.17 -1.37
C GLY A 95 5.36 15.16 -1.48
N LYS A 96 6.58 15.58 -1.16
CA LYS A 96 7.76 14.71 -1.22
C LYS A 96 8.04 14.06 0.12
N GLU A 97 7.00 13.79 0.89
CA GLU A 97 7.14 13.16 2.20
C GLU A 97 6.75 11.70 2.07
N ASP A 98 6.09 11.17 3.09
CA ASP A 98 5.71 9.76 3.05
C ASP A 98 4.25 9.57 3.34
N ALA A 99 3.47 9.35 2.30
CA ALA A 99 2.05 9.11 2.49
C ALA A 99 1.83 8.15 3.65
N ALA A 100 2.25 6.89 3.43
CA ALA A 100 2.13 5.79 4.40
C ALA A 100 0.70 5.61 4.89
N ASN A 101 0.13 4.45 4.59
CA ASN A 101 -1.27 4.12 4.91
C ASN A 101 -1.78 4.33 6.32
N ASN A 102 -1.28 5.32 7.04
CA ASN A 102 -1.79 5.61 8.38
C ASN A 102 -2.50 6.96 8.35
N TYR A 103 -3.80 6.92 8.61
CA TYR A 103 -4.65 8.10 8.65
C TYR A 103 -3.89 9.26 9.29
N ALA A 104 -3.72 9.17 10.61
CA ALA A 104 -3.06 10.16 11.45
C ALA A 104 -1.81 10.80 10.90
N ARG A 105 -1.38 10.39 9.72
CA ARG A 105 -0.18 10.98 9.16
C ARG A 105 -0.55 11.90 8.04
N GLY A 106 -1.68 11.60 7.39
CA GLY A 106 -2.14 12.44 6.30
C GLY A 106 -2.94 13.63 6.81
N HIS A 107 -3.55 13.43 7.97
CA HIS A 107 -4.34 14.47 8.59
C HIS A 107 -3.39 15.42 9.32
N TYR A 108 -2.99 15.06 10.54
CA TYR A 108 -2.11 15.90 11.33
C TYR A 108 -0.69 16.11 10.79
N THR A 109 0.21 15.23 11.21
CA THR A 109 1.62 15.27 10.85
C THR A 109 2.07 15.77 9.49
N ILE A 110 1.72 15.11 8.39
CA ILE A 110 2.24 15.59 7.11
C ILE A 110 1.22 16.28 6.20
N GLY A 111 -0.04 15.92 6.34
CA GLY A 111 -1.06 16.55 5.51
C GLY A 111 -0.98 18.05 5.62
N LYS A 112 -0.93 18.54 6.85
CA LYS A 112 -0.82 19.97 7.08
C LYS A 112 0.31 20.57 6.26
N GLU A 113 1.41 19.83 6.14
CA GLU A 113 2.56 20.29 5.34
C GLU A 113 2.22 20.70 3.92
N ILE A 114 0.99 20.43 3.47
CA ILE A 114 0.62 20.80 2.11
C ILE A 114 -0.84 21.23 1.98
N ILE A 115 -1.59 21.09 3.07
CA ILE A 115 -3.00 21.42 3.06
C ILE A 115 -3.32 22.90 2.81
N ASP A 116 -2.82 23.80 3.65
CA ASP A 116 -3.08 25.23 3.47
C ASP A 116 -2.78 25.65 2.04
N LEU A 117 -1.84 24.95 1.44
CA LEU A 117 -1.42 25.18 0.06
C LEU A 117 -2.52 24.75 -0.88
N VAL A 118 -3.27 23.73 -0.49
CA VAL A 118 -4.37 23.22 -1.29
C VAL A 118 -5.58 24.14 -1.13
N LEU A 119 -5.90 24.49 0.11
CA LEU A 119 -7.01 25.39 0.40
C LEU A 119 -6.83 26.60 -0.50
N ASP A 120 -5.57 27.02 -0.62
CA ASP A 120 -5.20 28.14 -1.46
C ASP A 120 -5.58 27.83 -2.89
N ARG A 121 -5.06 26.73 -3.43
CA ARG A 121 -5.38 26.35 -4.79
C ARG A 121 -6.90 26.37 -4.96
N ILE A 122 -7.61 25.62 -4.14
CA ILE A 122 -9.08 25.56 -4.22
C ILE A 122 -9.69 26.97 -4.27
N ARG A 123 -9.49 27.76 -3.22
CA ARG A 123 -10.04 29.11 -3.23
C ARG A 123 -9.68 29.73 -4.59
N LYS A 124 -8.39 29.73 -4.92
CA LYS A 124 -7.94 30.28 -6.20
C LYS A 124 -8.89 29.81 -7.29
N LEU A 125 -9.33 28.57 -7.19
CA LEU A 125 -10.26 28.07 -8.17
C LEU A 125 -11.68 28.48 -7.77
N ALA A 126 -11.88 28.73 -6.47
CA ALA A 126 -13.20 29.12 -5.97
C ALA A 126 -13.60 30.50 -6.48
N ASP A 127 -12.70 31.46 -6.31
CA ASP A 127 -12.96 32.83 -6.74
C ASP A 127 -12.96 32.92 -8.26
N GLN A 128 -12.26 31.99 -8.90
CA GLN A 128 -12.17 32.00 -10.34
C GLN A 128 -13.44 31.50 -11.03
N CYS A 129 -14.56 32.23 -10.91
CA CYS A 129 -15.81 31.78 -11.55
C CYS A 129 -17.02 32.67 -11.30
N THR A 130 -18.14 32.29 -11.91
CA THR A 130 -19.39 33.04 -11.77
C THR A 130 -20.34 32.28 -10.85
N GLY A 131 -20.20 32.47 -9.55
CA GLY A 131 -21.06 31.78 -8.61
C GLY A 131 -21.01 30.27 -8.82
N LEU A 132 -20.08 29.61 -8.15
CA LEU A 132 -19.94 28.15 -8.27
C LEU A 132 -21.15 27.39 -7.69
N GLN A 133 -20.87 26.28 -7.00
CA GLN A 133 -21.90 25.45 -6.37
C GLN A 133 -21.24 24.67 -5.23
N GLY A 134 -21.00 23.39 -5.47
CA GLY A 134 -20.38 22.56 -4.46
C GLY A 134 -19.01 22.06 -4.90
N PHE A 135 -18.60 20.95 -4.30
CA PHE A 135 -17.32 20.30 -4.61
C PHE A 135 -17.50 18.81 -4.79
N SER A 136 -16.57 18.21 -5.52
CA SER A 136 -16.57 16.78 -5.76
C SER A 136 -15.23 16.27 -5.26
N VAL A 137 -15.23 15.72 -4.05
CA VAL A 137 -14.00 15.22 -3.45
C VAL A 137 -13.80 13.71 -3.61
N PHE A 138 -13.22 13.33 -4.74
CA PHE A 138 -12.97 11.93 -5.04
C PHE A 138 -11.75 11.52 -4.23
N HIS A 139 -11.86 10.41 -3.51
CA HIS A 139 -10.75 9.90 -2.70
C HIS A 139 -10.96 8.42 -2.44
N SER A 140 -10.69 7.98 -1.23
CA SER A 140 -10.86 6.58 -0.91
C SER A 140 -10.49 6.23 0.53
N PHE A 141 -11.53 6.02 1.34
CA PHE A 141 -11.40 5.67 2.75
C PHE A 141 -10.13 4.91 3.21
N GLY A 142 -10.16 3.59 3.17
CA GLY A 142 -9.04 2.77 3.62
C GLY A 142 -7.55 3.02 3.33
N GLY A 143 -7.17 4.24 2.97
CA GLY A 143 -5.77 4.51 2.70
C GLY A 143 -5.14 5.60 3.57
N GLY A 144 -4.16 6.31 3.01
CA GLY A 144 -3.51 7.36 3.75
C GLY A 144 -3.99 8.73 3.33
N THR A 145 -3.33 9.29 2.31
CA THR A 145 -3.65 10.62 1.80
C THR A 145 -5.13 10.84 1.47
N GLY A 146 -5.83 9.80 1.05
CA GLY A 146 -7.23 9.96 0.72
C GLY A 146 -8.14 9.93 1.94
N SER A 147 -7.73 9.16 2.94
CA SER A 147 -8.50 9.03 4.16
C SER A 147 -8.33 10.26 5.05
N GLY A 148 -7.23 10.28 5.82
CA GLY A 148 -6.97 11.37 6.72
C GLY A 148 -6.79 12.73 6.11
N PHE A 149 -6.02 12.81 5.05
CA PHE A 149 -5.80 14.10 4.42
C PHE A 149 -7.12 14.74 4.00
N THR A 150 -7.83 14.15 3.05
CA THR A 150 -9.09 14.73 2.62
C THR A 150 -9.83 15.21 3.86
N SER A 151 -9.83 14.37 4.88
CA SER A 151 -10.48 14.67 6.15
C SER A 151 -10.26 16.11 6.55
N LEU A 152 -9.01 16.57 6.56
CA LEU A 152 -8.77 17.96 6.93
C LEU A 152 -8.68 18.85 5.70
N LEU A 153 -9.46 18.51 4.70
CA LEU A 153 -9.53 19.28 3.47
C LEU A 153 -10.96 19.77 3.47
N MET A 154 -11.83 18.81 3.73
CA MET A 154 -13.27 19.00 3.82
C MET A 154 -13.62 19.81 5.04
N GLU A 155 -12.89 19.57 6.14
CA GLU A 155 -13.13 20.30 7.36
C GLU A 155 -12.76 21.72 6.98
N ARG A 156 -11.59 21.87 6.38
CA ARG A 156 -11.15 23.20 5.95
C ARG A 156 -12.02 23.77 4.82
N LEU A 157 -12.85 22.93 4.22
CA LEU A 157 -13.75 23.37 3.16
C LEU A 157 -15.05 23.78 3.81
N SER A 158 -15.80 22.78 4.28
CA SER A 158 -17.10 22.97 4.89
C SER A 158 -17.18 24.09 5.94
N VAL A 159 -16.04 24.59 6.38
CA VAL A 159 -16.05 25.68 7.34
C VAL A 159 -15.35 26.85 6.67
N ASP A 160 -15.66 27.03 5.39
CA ASP A 160 -15.10 28.09 4.57
C ASP A 160 -16.04 28.16 3.37
N TYR A 161 -17.13 27.41 3.45
CA TYR A 161 -18.12 27.35 2.36
C TYR A 161 -19.48 26.82 2.81
N GLY A 162 -19.79 26.94 4.10
CA GLY A 162 -21.05 26.44 4.60
C GLY A 162 -22.20 26.77 3.67
N LYS A 163 -22.07 27.87 2.94
CA LYS A 163 -23.10 28.32 2.03
C LYS A 163 -23.08 27.53 0.71
N LYS A 164 -22.24 26.48 0.63
CA LYS A 164 -22.20 25.66 -0.59
C LYS A 164 -22.46 24.20 -0.28
N SER A 165 -22.31 23.35 -1.29
CA SER A 165 -22.52 21.91 -1.16
C SER A 165 -21.18 21.17 -1.20
N LYS A 166 -21.11 20.00 -0.55
CA LYS A 166 -19.86 19.21 -0.50
C LYS A 166 -20.07 17.72 -0.76
N LEU A 167 -20.09 17.33 -2.02
CA LEU A 167 -20.26 15.93 -2.38
C LEU A 167 -18.86 15.30 -2.49
N GLU A 168 -18.75 14.02 -2.12
CA GLU A 168 -17.48 13.30 -2.18
C GLU A 168 -17.71 11.80 -2.49
N PHE A 169 -16.90 11.23 -3.38
CA PHE A 169 -17.05 9.81 -3.73
C PHE A 169 -16.29 8.89 -2.80
N SER A 170 -17.00 8.34 -1.82
CA SER A 170 -16.40 7.46 -0.84
C SER A 170 -16.10 6.07 -1.38
N ILE A 171 -14.88 5.84 -1.84
CA ILE A 171 -14.53 4.52 -2.33
C ILE A 171 -14.35 3.72 -1.06
N TYR A 172 -15.44 3.05 -0.71
CA TYR A 172 -15.51 2.28 0.50
C TYR A 172 -14.71 0.98 0.55
N PRO A 173 -13.79 0.86 1.53
CA PRO A 173 -12.94 -0.33 1.69
C PRO A 173 -13.70 -1.65 1.48
N ALA A 174 -13.37 -2.33 0.38
CA ALA A 174 -14.00 -3.59 0.03
C ALA A 174 -14.34 -4.45 1.26
N PRO A 175 -15.38 -5.28 1.14
CA PRO A 175 -15.85 -6.15 2.23
C PRO A 175 -14.96 -7.36 2.56
N GLN A 176 -14.01 -7.66 1.67
CA GLN A 176 -13.11 -8.79 1.84
C GLN A 176 -11.84 -8.55 1.07
N VAL A 177 -11.98 -8.35 -0.24
CA VAL A 177 -10.82 -8.10 -1.08
C VAL A 177 -10.19 -6.76 -0.72
N SER A 178 -9.38 -6.79 0.33
CA SER A 178 -8.71 -5.61 0.86
C SER A 178 -7.35 -5.28 0.25
N THR A 179 -6.53 -4.61 1.05
CA THR A 179 -5.21 -4.21 0.63
C THR A 179 -4.34 -3.88 1.86
N ALA A 180 -4.45 -2.66 2.37
CA ALA A 180 -3.67 -2.24 3.53
C ALA A 180 -4.19 -2.95 4.78
N VAL A 181 -3.32 -3.11 5.77
CA VAL A 181 -3.68 -3.80 6.99
C VAL A 181 -4.56 -2.97 7.88
N VAL A 182 -4.33 -1.66 7.86
CA VAL A 182 -5.09 -0.71 8.69
C VAL A 182 -6.49 -0.35 8.16
N GLU A 183 -6.68 -0.51 6.85
CA GLU A 183 -7.95 -0.27 6.17
C GLU A 183 -9.03 0.31 7.08
N PRO A 184 -9.54 -0.47 8.04
CA PRO A 184 -10.57 0.14 8.90
C PRO A 184 -10.15 1.38 9.67
N TYR A 185 -9.03 1.33 10.40
CA TYR A 185 -8.58 2.50 11.14
C TYR A 185 -8.78 3.72 10.29
N ASN A 186 -8.05 3.82 9.21
CA ASN A 186 -8.16 4.97 8.33
C ASN A 186 -9.58 5.43 8.09
N SER A 187 -10.39 4.51 7.59
CA SER A 187 -11.78 4.78 7.27
C SER A 187 -12.53 5.39 8.44
N ILE A 188 -12.95 4.55 9.38
CA ILE A 188 -13.67 5.00 10.55
C ILE A 188 -13.32 6.43 10.94
N LEU A 189 -12.04 6.73 11.06
CA LEU A 189 -11.61 8.07 11.45
C LEU A 189 -11.93 9.07 10.36
N THR A 190 -11.69 8.68 9.11
CA THR A 190 -11.97 9.56 7.98
C THR A 190 -13.45 9.93 7.84
N THR A 191 -14.30 8.90 7.77
CA THR A 191 -15.74 9.08 7.63
C THR A 191 -16.35 10.00 8.68
N HIS A 192 -15.93 9.80 9.92
CA HIS A 192 -16.41 10.58 11.05
C HIS A 192 -15.93 12.02 11.04
N THR A 193 -14.68 12.21 10.64
CA THR A 193 -14.10 13.55 10.60
C THR A 193 -14.47 14.23 9.29
N THR A 194 -15.37 13.61 8.54
CA THR A 194 -15.82 14.18 7.27
C THR A 194 -17.35 14.29 7.22
N LEU A 195 -18.02 13.28 7.76
CA LEU A 195 -19.47 13.24 7.84
C LEU A 195 -19.97 14.62 8.21
N GLU A 196 -19.60 15.04 9.41
CA GLU A 196 -19.98 16.35 9.93
C GLU A 196 -19.48 17.49 9.05
N HIS A 197 -19.34 17.24 7.75
CA HIS A 197 -18.88 18.27 6.83
C HIS A 197 -19.50 18.19 5.45
N SER A 198 -19.22 17.12 4.73
CA SER A 198 -19.78 16.94 3.39
C SER A 198 -21.28 16.90 3.49
N ASP A 199 -21.95 17.00 2.34
CA ASP A 199 -23.40 17.01 2.29
C ASP A 199 -23.95 15.77 1.65
N CYS A 200 -23.07 14.95 1.08
CA CYS A 200 -23.52 13.76 0.37
C CYS A 200 -22.29 12.96 -0.11
N ALA A 201 -22.21 11.69 0.27
CA ALA A 201 -21.07 10.83 -0.13
C ALA A 201 -21.47 9.60 -0.94
N PHE A 202 -21.10 9.60 -2.21
CA PHE A 202 -21.42 8.48 -3.07
C PHE A 202 -20.49 7.32 -2.85
N MET A 203 -21.01 6.29 -2.19
CA MET A 203 -20.25 5.10 -1.91
C MET A 203 -19.92 4.44 -3.24
N VAL A 204 -18.79 3.74 -3.27
CA VAL A 204 -18.32 3.00 -4.45
C VAL A 204 -17.32 1.98 -3.91
N ASP A 205 -17.70 0.72 -3.96
CA ASP A 205 -16.86 -0.37 -3.46
C ASP A 205 -15.97 -0.87 -4.60
N ASN A 206 -14.86 -1.52 -4.24
CA ASN A 206 -13.97 -2.04 -5.26
C ASN A 206 -14.40 -3.42 -5.70
N GLU A 207 -14.75 -4.26 -4.73
CA GLU A 207 -15.18 -5.61 -5.06
C GLU A 207 -16.52 -5.54 -5.78
N ALA A 208 -17.52 -4.96 -5.11
CA ALA A 208 -18.85 -4.82 -5.71
C ALA A 208 -18.73 -4.63 -7.21
N ILE A 209 -17.80 -3.77 -7.63
CA ILE A 209 -17.60 -3.53 -9.05
C ILE A 209 -17.09 -4.83 -9.69
N TYR A 210 -15.96 -5.32 -9.20
CA TYR A 210 -15.39 -6.58 -9.69
C TYR A 210 -16.54 -7.55 -9.95
N ASP A 211 -17.34 -7.80 -8.92
CA ASP A 211 -18.48 -8.69 -9.00
C ASP A 211 -19.54 -8.23 -10.00
N ILE A 212 -19.11 -7.46 -10.99
CA ILE A 212 -20.00 -6.94 -12.03
C ILE A 212 -19.22 -7.02 -13.34
N CYS A 213 -17.89 -6.95 -13.23
CA CYS A 213 -17.03 -7.02 -14.38
C CYS A 213 -16.73 -8.49 -14.74
N ARG A 214 -17.42 -9.41 -14.06
CA ARG A 214 -17.28 -10.85 -14.31
C ARG A 214 -18.67 -11.42 -14.54
N ARG A 215 -19.68 -10.69 -14.08
CA ARG A 215 -21.07 -11.09 -14.24
C ARG A 215 -21.69 -10.35 -15.40
N ASN A 216 -21.58 -9.02 -15.37
CA ASN A 216 -22.17 -8.21 -16.42
C ASN A 216 -21.15 -7.64 -17.41
N LEU A 217 -20.12 -8.40 -17.75
CA LEU A 217 -19.13 -7.91 -18.69
C LEU A 217 -18.18 -8.99 -19.17
N ASP A 218 -18.23 -10.13 -18.49
CA ASP A 218 -17.43 -11.32 -18.78
C ASP A 218 -15.95 -11.10 -19.09
N ILE A 219 -15.23 -10.59 -18.11
CA ILE A 219 -13.79 -10.35 -18.26
C ILE A 219 -13.10 -10.57 -16.92
N GLU A 220 -12.16 -11.51 -16.87
CA GLU A 220 -11.45 -11.82 -15.63
C GLU A 220 -10.07 -11.15 -15.55
N ARG A 221 -9.93 -10.06 -16.31
CA ARG A 221 -8.70 -9.29 -16.34
C ARG A 221 -9.10 -7.82 -16.06
N PRO A 222 -9.97 -7.59 -15.04
CA PRO A 222 -10.36 -6.20 -14.78
C PRO A 222 -9.28 -5.40 -14.06
N THR A 223 -8.51 -4.61 -14.82
CA THR A 223 -7.45 -3.80 -14.22
C THR A 223 -8.06 -2.61 -13.51
N TYR A 224 -7.29 -1.96 -12.64
CA TYR A 224 -7.82 -0.79 -11.95
C TYR A 224 -8.34 0.18 -13.00
N THR A 225 -7.61 0.29 -14.11
CA THR A 225 -7.99 1.18 -15.21
C THR A 225 -9.45 0.99 -15.62
N ASN A 226 -10.01 -0.17 -15.27
CA ASN A 226 -11.40 -0.47 -15.61
C ASN A 226 -12.35 -0.05 -14.49
N LEU A 227 -11.99 -0.37 -13.25
CA LEU A 227 -12.82 -0.02 -12.10
C LEU A 227 -12.99 1.49 -11.98
N ASN A 228 -12.07 2.23 -12.57
CA ASN A 228 -12.14 3.68 -12.50
C ASN A 228 -12.84 4.23 -13.72
N ARG A 229 -12.97 3.41 -14.76
CA ARG A 229 -13.64 3.83 -15.97
C ARG A 229 -15.13 3.67 -15.72
N LEU A 230 -15.46 2.74 -14.83
CA LEU A 230 -16.84 2.49 -14.46
C LEU A 230 -17.29 3.54 -13.43
N ILE A 231 -16.32 4.29 -12.91
CA ILE A 231 -16.60 5.34 -11.94
C ILE A 231 -16.89 6.55 -12.79
N GLY A 232 -16.01 6.78 -13.75
CA GLY A 232 -16.20 7.90 -14.64
C GLY A 232 -17.48 7.74 -15.44
N GLN A 233 -18.09 6.57 -15.32
CA GLN A 233 -19.33 6.29 -16.03
C GLN A 233 -20.54 6.57 -15.12
N ILE A 234 -20.29 6.67 -13.82
CA ILE A 234 -21.32 6.96 -12.83
C ILE A 234 -21.05 8.34 -12.29
N VAL A 235 -19.94 8.93 -12.73
CA VAL A 235 -19.56 10.27 -12.31
C VAL A 235 -19.85 11.23 -13.47
N SER A 236 -19.54 10.80 -14.68
CA SER A 236 -19.79 11.63 -15.86
C SER A 236 -21.30 11.69 -16.04
N SER A 237 -22.00 11.70 -14.91
CA SER A 237 -23.44 11.78 -14.88
C SER A 237 -23.84 12.72 -13.77
N ILE A 238 -23.88 12.18 -12.56
CA ILE A 238 -24.23 12.95 -11.40
C ILE A 238 -24.00 14.42 -11.69
N THR A 239 -22.88 14.73 -12.34
CA THR A 239 -22.64 16.12 -12.70
C THR A 239 -22.84 16.32 -14.18
N ALA A 240 -21.73 16.35 -14.94
CA ALA A 240 -21.77 16.56 -16.37
C ALA A 240 -23.22 16.51 -16.87
N SER A 241 -23.79 15.31 -16.89
CA SER A 241 -25.16 15.12 -17.34
C SER A 241 -26.04 16.20 -16.72
N LEU A 242 -26.42 15.97 -15.48
CA LEU A 242 -27.25 16.89 -14.71
C LEU A 242 -27.13 18.32 -15.20
N ARG A 243 -25.89 18.78 -15.20
CA ARG A 243 -25.54 20.13 -15.62
C ARG A 243 -26.01 20.43 -17.05
N PHE A 244 -26.52 19.40 -17.73
CA PHE A 244 -27.03 19.54 -19.09
C PHE A 244 -28.51 19.83 -19.09
N ASP A 245 -29.04 20.03 -20.30
CA ASP A 245 -30.45 20.34 -20.44
C ASP A 245 -31.23 19.08 -20.71
N GLY A 246 -32.48 19.08 -20.25
CA GLY A 246 -33.33 17.93 -20.44
C GLY A 246 -34.52 17.98 -19.50
N ALA A 247 -35.45 17.06 -19.72
CA ALA A 247 -36.67 16.94 -18.95
C ALA A 247 -36.71 17.77 -17.68
N LEU A 248 -36.12 17.24 -16.62
CA LEU A 248 -36.11 17.94 -15.35
C LEU A 248 -34.72 17.97 -14.74
N ASN A 249 -33.95 18.95 -15.19
CA ASN A 249 -32.58 19.16 -14.76
C ASN A 249 -32.40 18.89 -13.28
N VAL A 250 -31.23 18.35 -12.91
CA VAL A 250 -30.93 18.07 -11.51
C VAL A 250 -29.54 18.56 -11.10
N ASP A 251 -29.45 19.69 -10.38
CA ASP A 251 -28.15 20.21 -9.93
C ASP A 251 -27.67 19.29 -8.81
N LEU A 252 -26.57 19.64 -8.17
CA LEU A 252 -26.11 18.82 -7.06
C LEU A 252 -27.04 19.17 -5.91
N THR A 253 -27.41 20.44 -5.83
CA THR A 253 -28.28 20.92 -4.78
C THR A 253 -29.52 20.04 -4.64
N GLU A 254 -30.18 19.78 -5.76
CA GLU A 254 -31.39 18.95 -5.75
C GLU A 254 -31.07 17.59 -5.17
N PHE A 255 -29.92 17.06 -5.57
CA PHE A 255 -29.46 15.77 -5.08
C PHE A 255 -29.68 15.68 -3.58
N GLN A 256 -28.77 16.26 -2.82
CA GLN A 256 -28.84 16.24 -1.37
C GLN A 256 -30.17 16.71 -0.84
N THR A 257 -30.82 17.63 -1.55
CA THR A 257 -32.12 18.16 -1.10
C THR A 257 -33.20 17.11 -1.22
N ASN A 258 -32.94 16.13 -2.07
CA ASN A 258 -33.87 15.04 -2.33
C ASN A 258 -33.26 13.70 -1.96
N LEU A 259 -31.93 13.67 -1.86
CA LEU A 259 -31.20 12.44 -1.54
C LEU A 259 -30.85 12.28 -0.07
N VAL A 260 -30.56 13.37 0.64
CA VAL A 260 -30.21 13.25 2.04
C VAL A 260 -31.27 13.76 3.00
N PRO A 261 -32.04 12.83 3.58
CA PRO A 261 -33.12 13.05 4.53
C PRO A 261 -32.74 13.92 5.73
N TYR A 262 -31.62 13.57 6.38
CA TYR A 262 -31.20 14.30 7.56
C TYR A 262 -29.78 14.84 7.49
N PRO A 263 -29.43 15.76 8.41
CA PRO A 263 -28.09 16.38 8.44
C PRO A 263 -26.93 15.45 8.13
N ARG A 264 -26.94 14.24 8.69
CA ARG A 264 -25.85 13.31 8.42
C ARG A 264 -25.51 13.46 6.93
N GLY A 265 -24.23 13.62 6.64
CA GLY A 265 -23.82 13.77 5.24
C GLY A 265 -24.22 12.56 4.42
N HIS A 266 -25.24 11.84 4.89
CA HIS A 266 -25.73 10.62 4.26
C HIS A 266 -25.16 10.32 2.90
N PHE A 267 -24.60 9.12 2.81
CA PHE A 267 -23.87 8.61 1.65
C PHE A 267 -24.51 7.55 0.74
N PRO A 268 -25.23 7.98 -0.33
CA PRO A 268 -25.85 6.99 -1.24
C PRO A 268 -24.83 5.98 -1.83
N LEU A 269 -25.32 5.00 -2.58
CA LEU A 269 -24.45 4.00 -3.19
C LEU A 269 -24.60 3.88 -4.71
N ALA A 270 -23.85 4.68 -5.45
CA ALA A 270 -23.91 4.69 -6.91
C ALA A 270 -24.28 3.35 -7.58
N THR A 271 -24.96 3.42 -8.72
CA THR A 271 -25.39 2.23 -9.49
C THR A 271 -25.45 2.56 -10.99
N TYR A 272 -25.80 1.58 -11.81
CA TYR A 272 -25.87 1.77 -13.24
C TYR A 272 -26.60 0.54 -13.80
N ALA A 273 -27.37 0.69 -14.86
CA ALA A 273 -28.08 -0.46 -15.41
C ALA A 273 -27.56 -0.91 -16.77
N PRO A 274 -27.32 0.04 -17.70
CA PRO A 274 -26.81 -0.40 -19.02
C PRO A 274 -25.38 -0.96 -18.89
N VAL A 275 -25.18 -1.79 -17.88
CA VAL A 275 -23.90 -2.42 -17.57
C VAL A 275 -23.74 -3.60 -18.50
N ILE A 276 -23.46 -3.37 -19.76
CA ILE A 276 -23.39 -4.51 -20.66
C ILE A 276 -22.04 -4.89 -21.27
N SER A 277 -21.79 -6.20 -21.27
CA SER A 277 -20.58 -6.79 -21.84
C SER A 277 -20.54 -6.53 -23.33
N ALA A 278 -19.67 -5.61 -23.73
CA ALA A 278 -19.54 -5.23 -25.12
C ALA A 278 -19.05 -6.36 -26.02
N GLU A 279 -19.51 -7.58 -25.74
CA GLU A 279 -19.19 -8.77 -26.53
C GLU A 279 -19.84 -10.05 -26.01
N LYS A 280 -20.65 -9.93 -24.95
CA LYS A 280 -21.35 -11.07 -24.36
C LYS A 280 -22.85 -10.88 -24.58
N ALA A 281 -23.27 -9.62 -24.62
CA ALA A 281 -24.68 -9.30 -24.82
C ALA A 281 -24.79 -8.50 -26.11
N TYR A 282 -25.19 -9.21 -27.15
CA TYR A 282 -25.33 -8.67 -28.48
C TYR A 282 -26.67 -8.00 -28.64
N HIS A 283 -27.08 -7.28 -27.60
CA HIS A 283 -28.34 -6.54 -27.64
C HIS A 283 -28.42 -5.40 -26.62
N GLU A 284 -28.66 -4.20 -27.15
CA GLU A 284 -28.75 -2.99 -26.35
C GLU A 284 -30.17 -2.38 -26.40
N GLN A 285 -30.87 -2.66 -27.49
CA GLN A 285 -32.22 -2.16 -27.63
C GLN A 285 -33.05 -2.79 -26.54
N LEU A 286 -32.72 -2.42 -25.32
CA LEU A 286 -33.40 -2.92 -24.16
C LEU A 286 -34.14 -1.77 -23.47
N SER A 287 -35.29 -1.42 -24.06
CA SER A 287 -36.21 -0.37 -23.62
C SER A 287 -36.09 0.16 -22.18
N VAL A 288 -36.42 1.44 -21.97
CA VAL A 288 -36.33 2.08 -20.65
C VAL A 288 -36.66 1.22 -19.45
N ALA A 289 -37.80 0.55 -19.48
CA ALA A 289 -38.19 -0.29 -18.36
C ALA A 289 -37.08 -1.24 -17.89
N GLU A 290 -36.78 -2.26 -18.70
CA GLU A 290 -35.78 -3.27 -18.39
C GLU A 290 -34.52 -2.77 -17.68
N ILE A 291 -33.89 -1.70 -18.16
CA ILE A 291 -32.71 -1.20 -17.46
C ILE A 291 -33.12 -0.75 -16.06
N THR A 292 -34.17 0.07 -15.97
CA THR A 292 -34.67 0.54 -14.68
C THR A 292 -34.82 -0.65 -13.73
N ASN A 293 -35.20 -1.82 -14.24
CA ASN A 293 -35.34 -3.01 -13.40
C ASN A 293 -33.95 -3.41 -12.89
N ALA A 294 -32.95 -3.27 -13.74
CA ALA A 294 -31.55 -3.61 -13.42
C ALA A 294 -31.02 -2.84 -12.21
N CYS A 295 -31.18 -1.52 -12.25
CA CYS A 295 -30.75 -0.66 -11.16
C CYS A 295 -31.07 -1.28 -9.82
N PHE A 296 -32.36 -1.47 -9.56
CA PHE A 296 -32.81 -2.02 -8.29
C PHE A 296 -32.47 -3.49 -8.04
N GLU A 297 -31.75 -4.11 -8.98
CA GLU A 297 -31.34 -5.49 -8.80
C GLU A 297 -30.10 -5.39 -7.94
N PRO A 298 -29.96 -6.29 -6.96
CA PRO A 298 -28.78 -6.24 -6.10
C PRO A 298 -27.55 -6.78 -6.80
N ALA A 299 -27.36 -6.41 -8.06
CA ALA A 299 -26.20 -6.88 -8.80
C ALA A 299 -25.39 -5.74 -9.39
N ASN A 300 -26.04 -4.83 -10.10
CA ASN A 300 -25.29 -3.72 -10.68
C ASN A 300 -24.85 -2.72 -9.59
N GLN A 301 -25.42 -2.85 -8.40
CA GLN A 301 -25.07 -1.96 -7.31
C GLN A 301 -23.58 -1.77 -7.39
N MET A 302 -23.13 -0.53 -7.19
CA MET A 302 -21.71 -0.28 -7.27
C MET A 302 -21.07 -0.62 -5.94
N VAL A 303 -21.91 -0.86 -4.95
CA VAL A 303 -21.45 -1.20 -3.62
C VAL A 303 -21.96 -2.56 -3.20
N LYS A 304 -21.07 -3.36 -2.60
CA LYS A 304 -21.42 -4.69 -2.15
C LYS A 304 -22.41 -4.61 -1.00
N CYS A 305 -23.23 -3.57 -1.01
CA CYS A 305 -24.23 -3.37 0.02
C CYS A 305 -25.55 -3.96 -0.43
N ASP A 306 -25.53 -5.26 -0.73
CA ASP A 306 -26.75 -5.93 -1.17
C ASP A 306 -27.90 -5.50 -0.24
N PRO A 307 -29.05 -5.07 -0.80
CA PRO A 307 -30.17 -4.66 0.03
C PRO A 307 -30.65 -5.76 0.99
N ARG A 308 -29.71 -6.27 1.80
CA ARG A 308 -29.98 -7.33 2.78
C ARG A 308 -30.79 -6.77 3.95
N HIS A 309 -31.86 -6.04 3.60
CA HIS A 309 -32.78 -5.43 4.56
C HIS A 309 -33.11 -4.03 4.09
N GLY A 310 -32.03 -3.28 3.82
CA GLY A 310 -32.15 -1.90 3.40
C GLY A 310 -33.46 -1.45 2.79
N LYS A 311 -33.87 -0.25 3.16
CA LYS A 311 -35.08 0.31 2.63
C LYS A 311 -34.69 1.67 2.09
N TYR A 312 -34.67 1.79 0.76
CA TYR A 312 -34.33 3.06 0.16
C TYR A 312 -35.16 4.14 0.80
N MET A 313 -34.54 5.30 0.98
CA MET A 313 -35.23 6.43 1.59
C MET A 313 -35.45 7.43 0.48
N ALA A 314 -34.69 7.30 -0.59
CA ALA A 314 -34.81 8.23 -1.69
C ALA A 314 -33.86 7.96 -2.81
N CYS A 315 -34.35 7.30 -3.84
CA CYS A 315 -33.52 7.01 -4.97
C CYS A 315 -33.39 8.28 -5.76
N CYS A 316 -32.60 8.23 -6.82
CA CYS A 316 -32.41 9.38 -7.67
C CYS A 316 -32.04 8.88 -9.05
N LEU A 317 -32.99 8.22 -9.68
CA LEU A 317 -32.81 7.68 -11.01
C LEU A 317 -32.53 8.78 -12.00
N LEU A 318 -31.35 8.78 -12.62
CA LEU A 318 -31.03 9.81 -13.59
C LEU A 318 -30.93 9.25 -15.02
N TYR A 319 -31.98 9.45 -15.80
CA TYR A 319 -31.99 8.98 -17.18
C TYR A 319 -31.35 10.04 -18.07
N ARG A 320 -30.57 9.58 -19.06
CA ARG A 320 -29.87 10.48 -19.99
C ARG A 320 -29.89 9.94 -21.42
N GLY A 321 -30.47 10.72 -22.34
CA GLY A 321 -30.52 10.29 -23.72
C GLY A 321 -31.90 10.02 -24.29
N ASP A 322 -32.10 8.81 -24.81
CA ASP A 322 -33.40 8.47 -25.38
C ASP A 322 -34.30 7.78 -24.38
N VAL A 323 -34.78 8.59 -23.44
CA VAL A 323 -35.68 8.13 -22.39
C VAL A 323 -36.83 9.15 -22.39
N VAL A 324 -38.06 8.66 -22.47
CA VAL A 324 -39.27 9.50 -22.49
C VAL A 324 -39.91 9.70 -21.10
N PRO A 325 -40.37 10.93 -20.80
CA PRO A 325 -41.01 11.24 -19.52
C PRO A 325 -42.26 10.43 -19.13
N LYS A 326 -42.72 9.52 -19.98
CA LYS A 326 -43.88 8.69 -19.62
C LYS A 326 -43.45 7.25 -19.40
N ASP A 327 -42.37 6.85 -20.09
CA ASP A 327 -41.82 5.51 -19.97
C ASP A 327 -41.10 5.41 -18.63
N VAL A 328 -40.55 6.55 -18.20
CA VAL A 328 -39.83 6.66 -16.93
C VAL A 328 -40.86 6.75 -15.83
N ASN A 329 -41.93 7.47 -16.16
CA ASN A 329 -43.08 7.67 -15.29
C ASN A 329 -43.98 6.49 -15.61
N ALA A 330 -43.50 5.30 -15.28
CA ALA A 330 -44.22 4.05 -15.54
C ALA A 330 -43.31 2.90 -15.10
N ALA A 331 -42.07 2.96 -15.52
CA ALA A 331 -41.13 1.95 -15.13
C ALA A 331 -41.12 1.96 -13.62
N ILE A 332 -41.29 3.14 -13.05
CA ILE A 332 -41.30 3.35 -11.60
C ILE A 332 -42.63 3.03 -10.92
N ALA A 333 -43.71 3.19 -11.64
CA ALA A 333 -45.02 2.89 -11.07
C ALA A 333 -45.21 1.37 -11.09
N THR A 334 -44.12 0.64 -10.86
CA THR A 334 -44.13 -0.81 -10.84
C THR A 334 -42.87 -1.28 -10.16
N ILE A 335 -41.76 -0.57 -10.42
CA ILE A 335 -40.49 -0.86 -9.76
C ILE A 335 -40.95 -0.79 -8.30
N LYS A 336 -41.74 0.26 -8.10
CA LYS A 336 -42.38 0.65 -6.85
C LYS A 336 -43.38 -0.42 -6.41
N THR A 337 -44.52 -0.48 -7.09
CA THR A 337 -45.55 -1.44 -6.75
C THR A 337 -45.08 -2.89 -6.88
N LYS A 338 -43.77 -3.08 -7.04
CA LYS A 338 -43.20 -4.44 -7.13
C LYS A 338 -43.14 -4.93 -5.68
N ARG A 339 -43.33 -3.95 -4.79
CA ARG A 339 -43.34 -4.10 -3.33
C ARG A 339 -42.08 -4.73 -2.77
N THR A 340 -41.68 -5.90 -3.28
CA THR A 340 -40.45 -6.53 -2.82
C THR A 340 -39.30 -5.65 -3.30
N ILE A 341 -39.63 -4.36 -3.39
CA ILE A 341 -38.76 -3.27 -3.80
C ILE A 341 -38.67 -2.42 -2.53
N GLN A 342 -39.63 -2.70 -1.65
CA GLN A 342 -39.81 -2.08 -0.35
C GLN A 342 -39.14 -0.73 -0.19
N PHE A 343 -39.98 0.28 -0.04
CA PHE A 343 -39.54 1.65 0.15
C PHE A 343 -39.89 2.08 1.56
N VAL A 344 -39.09 2.98 2.09
CA VAL A 344 -39.34 3.45 3.44
C VAL A 344 -40.83 3.75 3.63
N ASP A 345 -41.21 3.86 4.89
CA ASP A 345 -42.58 4.15 5.27
C ASP A 345 -42.79 5.64 5.10
N TRP A 346 -42.03 6.43 5.84
CA TRP A 346 -42.14 7.88 5.82
C TRP A 346 -41.96 8.63 4.50
N CYS A 347 -41.42 7.97 3.49
CA CYS A 347 -41.21 8.66 2.21
C CYS A 347 -42.17 8.09 1.15
N PRO A 348 -43.30 8.79 0.89
CA PRO A 348 -44.34 8.42 -0.08
C PRO A 348 -43.85 8.35 -1.51
N THR A 349 -43.15 9.37 -1.99
CA THR A 349 -42.61 9.32 -3.35
C THR A 349 -41.14 9.70 -3.36
N GLY A 350 -40.28 8.70 -3.16
CA GLY A 350 -38.85 8.92 -3.14
C GLY A 350 -38.25 8.54 -4.47
N PHE A 351 -38.41 9.40 -5.47
CA PHE A 351 -37.86 9.14 -6.81
C PHE A 351 -37.50 10.36 -7.62
N LYS A 352 -36.76 11.29 -7.02
CA LYS A 352 -36.33 12.50 -7.71
C LYS A 352 -35.77 12.05 -9.05
N VAL A 353 -36.59 12.09 -10.08
CA VAL A 353 -36.18 11.66 -11.41
C VAL A 353 -35.27 12.73 -12.02
N GLY A 354 -34.51 12.33 -13.03
CA GLY A 354 -33.64 13.24 -13.75
C GLY A 354 -33.67 12.69 -15.15
N ILE A 355 -33.52 13.55 -16.16
CA ILE A 355 -33.57 13.07 -17.54
C ILE A 355 -32.79 13.98 -18.47
N ASN A 356 -31.59 13.56 -18.83
CA ASN A 356 -30.79 14.39 -19.71
C ASN A 356 -31.24 14.14 -21.15
N TYR A 357 -30.47 14.66 -22.11
CA TYR A 357 -30.80 14.45 -23.51
C TYR A 357 -29.71 13.61 -24.17
N GLU A 358 -28.51 13.69 -23.64
CA GLU A 358 -27.39 12.95 -24.19
C GLU A 358 -27.07 11.63 -23.50
N PRO A 359 -27.05 10.53 -24.26
CA PRO A 359 -26.74 9.20 -23.72
C PRO A 359 -25.27 9.10 -23.34
N PRO A 360 -24.85 7.92 -22.89
CA PRO A 360 -23.44 7.78 -22.53
C PRO A 360 -22.52 7.92 -23.75
N THR A 361 -21.21 7.82 -23.51
CA THR A 361 -20.18 7.94 -24.55
C THR A 361 -18.99 7.04 -24.21
N VAL A 362 -19.26 5.74 -24.15
CA VAL A 362 -18.27 4.72 -23.83
C VAL A 362 -16.86 4.96 -24.36
N VAL A 363 -15.88 4.50 -23.59
CA VAL A 363 -14.48 4.61 -23.99
C VAL A 363 -14.34 3.76 -25.26
N PRO A 364 -13.97 4.41 -26.40
CA PRO A 364 -13.80 3.77 -27.71
C PRO A 364 -13.35 2.29 -27.73
N GLY A 365 -12.51 1.89 -26.78
CA GLY A 365 -12.03 0.52 -26.74
C GLY A 365 -12.27 -0.23 -25.45
N GLY A 366 -13.07 0.34 -24.55
CA GLY A 366 -13.35 -0.33 -23.30
C GLY A 366 -14.13 -1.62 -23.48
N ASP A 367 -14.95 -1.95 -22.48
CA ASP A 367 -15.75 -3.17 -22.50
C ASP A 367 -17.24 -2.82 -22.33
N LEU A 368 -17.53 -1.53 -22.26
CA LEU A 368 -18.90 -1.04 -22.09
C LEU A 368 -19.62 -0.91 -23.44
N ALA A 369 -20.24 -1.98 -23.90
CA ALA A 369 -20.94 -1.99 -25.18
C ALA A 369 -21.58 -0.66 -25.58
N LYS A 370 -21.72 0.27 -24.64
CA LYS A 370 -22.32 1.56 -24.93
C LYS A 370 -23.77 1.40 -25.41
N VAL A 371 -24.65 2.30 -24.98
CA VAL A 371 -26.05 2.23 -25.39
C VAL A 371 -26.69 3.62 -25.50
N GLN A 372 -27.94 3.64 -25.98
CA GLN A 372 -28.73 4.86 -26.18
C GLN A 372 -29.20 5.45 -24.87
N ARG A 373 -29.75 4.62 -24.00
CA ARG A 373 -30.21 5.10 -22.71
C ARG A 373 -29.19 4.78 -21.61
N ALA A 374 -29.58 5.00 -20.35
CA ALA A 374 -28.71 4.74 -19.23
C ALA A 374 -29.22 5.43 -17.99
N VAL A 375 -29.15 4.74 -16.87
CA VAL A 375 -29.57 5.32 -15.60
C VAL A 375 -28.27 5.65 -14.85
N CYS A 376 -28.37 6.11 -13.62
CA CYS A 376 -27.20 6.40 -12.83
C CYS A 376 -27.63 6.21 -11.42
N MET A 377 -28.86 5.73 -11.28
CA MET A 377 -29.44 5.44 -10.00
C MET A 377 -28.40 5.52 -8.92
N LEU A 378 -28.51 6.54 -8.09
CA LEU A 378 -27.58 6.73 -6.98
C LEU A 378 -28.43 6.98 -5.75
N SER A 379 -29.04 5.91 -5.25
CA SER A 379 -29.92 5.96 -4.11
C SER A 379 -29.26 6.00 -2.74
N ASN A 380 -30.07 6.30 -1.75
CA ASN A 380 -29.61 6.35 -0.37
C ASN A 380 -30.48 5.35 0.37
N THR A 381 -29.96 4.13 0.53
CA THR A 381 -30.71 3.08 1.20
C THR A 381 -30.18 2.62 2.54
N THR A 382 -31.09 2.12 3.37
CA THR A 382 -30.77 1.59 4.68
C THR A 382 -29.96 0.34 4.38
N ALA A 383 -29.02 0.46 3.46
CA ALA A 383 -28.19 -0.64 3.04
C ALA A 383 -26.76 -0.46 3.50
N ILE A 384 -26.19 0.71 3.20
CA ILE A 384 -24.82 0.98 3.61
C ILE A 384 -24.75 0.74 5.11
N ALA A 385 -25.91 0.67 5.73
CA ALA A 385 -26.01 0.41 7.16
C ALA A 385 -25.24 -0.86 7.45
N GLU A 386 -24.91 -1.60 6.39
CA GLU A 386 -24.18 -2.86 6.46
C GLU A 386 -22.66 -2.65 6.53
N ALA A 387 -22.05 -2.42 5.37
CA ALA A 387 -20.59 -2.22 5.27
C ALA A 387 -20.13 -1.33 6.40
N TRP A 388 -20.89 -0.29 6.67
CA TRP A 388 -20.55 0.60 7.76
C TRP A 388 -20.26 -0.30 8.98
N ALA A 389 -21.21 -1.17 9.30
CA ALA A 389 -21.08 -2.09 10.43
C ALA A 389 -19.84 -2.96 10.35
N ARG A 390 -19.73 -3.72 9.28
CA ARG A 390 -18.59 -4.62 9.12
C ARG A 390 -17.31 -3.82 9.10
N LEU A 391 -17.24 -2.86 8.19
CA LEU A 391 -16.05 -2.03 8.07
C LEU A 391 -15.75 -1.34 9.38
N ASP A 392 -16.62 -1.53 10.36
CA ASP A 392 -16.42 -0.95 11.69
C ASP A 392 -15.98 -2.03 12.65
N HIS A 393 -16.61 -3.20 12.55
CA HIS A 393 -16.27 -4.33 13.41
C HIS A 393 -14.82 -4.72 13.21
N LYS A 394 -14.28 -4.43 12.03
CA LYS A 394 -12.89 -4.73 11.75
C LYS A 394 -12.09 -3.86 12.69
N PHE A 395 -12.49 -2.59 12.78
CA PHE A 395 -11.84 -1.61 13.66
C PHE A 395 -11.69 -2.15 15.08
N ASP A 396 -12.75 -2.78 15.60
CA ASP A 396 -12.73 -3.34 16.94
C ASP A 396 -11.59 -4.33 17.08
N LEU A 397 -11.78 -5.50 16.47
CA LEU A 397 -10.79 -6.55 16.50
C LEU A 397 -9.39 -5.99 16.55
N MET A 398 -9.10 -5.01 15.69
CA MET A 398 -7.80 -4.41 15.68
C MET A 398 -7.66 -3.64 16.97
N TYR A 399 -8.12 -2.39 16.96
CA TYR A 399 -8.02 -1.52 18.14
C TYR A 399 -8.15 -2.24 19.48
N ALA A 400 -8.79 -3.41 19.49
CA ALA A 400 -8.97 -4.19 20.72
C ALA A 400 -7.66 -4.75 21.21
N LYS A 401 -6.61 -4.55 20.42
CA LYS A 401 -5.26 -4.99 20.75
C LYS A 401 -4.33 -3.85 20.34
N ARG A 402 -4.95 -2.73 19.99
CA ARG A 402 -4.22 -1.55 19.57
C ARG A 402 -3.55 -1.80 18.23
N ALA A 403 -3.23 -3.04 17.94
CA ALA A 403 -2.57 -3.37 16.69
C ALA A 403 -1.65 -2.25 16.24
N PHE A 404 -1.91 -1.69 15.06
CA PHE A 404 -1.07 -0.65 14.50
C PHE A 404 -1.21 0.72 15.09
N VAL A 405 -1.91 0.83 16.21
CA VAL A 405 -2.15 2.12 16.85
C VAL A 405 -0.93 3.06 16.94
N HIS A 406 0.15 2.63 17.58
CA HIS A 406 1.32 3.51 17.71
C HIS A 406 1.69 4.19 16.41
N TRP A 407 1.47 3.50 15.30
CA TRP A 407 1.78 4.05 13.97
C TRP A 407 0.97 5.28 13.73
N TYR A 408 0.20 5.66 14.74
CA TYR A 408 -0.64 6.83 14.66
C TYR A 408 -0.24 7.81 15.75
N VAL A 409 -0.39 7.38 17.00
CA VAL A 409 -0.05 8.24 18.13
C VAL A 409 1.29 8.94 17.89
N GLY A 410 2.27 8.21 17.38
CA GLY A 410 3.56 8.83 17.11
C GLY A 410 3.38 10.00 16.16
N GLU A 411 2.51 9.78 15.17
CA GLU A 411 2.21 10.80 14.18
C GLU A 411 1.28 11.83 14.80
N GLY A 412 1.29 11.88 16.13
CA GLY A 412 0.47 12.85 16.82
C GLY A 412 -1.01 12.54 16.78
N MET A 413 -1.45 11.80 17.79
CA MET A 413 -2.84 11.43 17.92
C MET A 413 -3.04 11.02 19.34
N GLU A 414 -4.28 10.86 19.74
CA GLU A 414 -4.56 10.49 21.10
C GLU A 414 -5.51 9.31 21.10
N GLU A 415 -5.43 8.49 22.15
CA GLU A 415 -6.32 7.33 22.30
C GLU A 415 -7.79 7.74 22.11
N GLY A 416 -8.04 9.03 22.25
CA GLY A 416 -9.39 9.56 22.11
C GLY A 416 -9.88 9.49 20.69
N GLU A 417 -9.15 10.11 19.76
CA GLU A 417 -9.57 10.08 18.38
C GLU A 417 -10.14 8.72 18.02
N PHE A 418 -9.35 7.66 18.22
CA PHE A 418 -9.83 6.31 17.91
C PHE A 418 -11.08 6.01 18.71
N SER A 419 -11.08 6.40 19.97
CA SER A 419 -12.24 6.19 20.81
C SER A 419 -13.44 6.79 20.09
N GLU A 420 -13.49 8.13 20.05
CA GLU A 420 -14.56 8.90 19.40
C GLU A 420 -14.99 8.41 18.01
N ALA A 421 -14.10 8.53 17.03
CA ALA A 421 -14.38 8.08 15.65
C ALA A 421 -14.96 6.66 15.61
N ARG A 422 -15.38 6.19 16.77
CA ARG A 422 -15.99 4.88 16.87
C ARG A 422 -17.36 5.20 17.45
N GLU A 423 -17.38 5.67 18.70
CA GLU A 423 -18.65 6.01 19.31
C GLU A 423 -19.45 6.76 18.23
N ASP A 424 -18.74 7.55 17.41
CA ASP A 424 -19.34 8.31 16.33
C ASP A 424 -20.10 7.31 15.46
N MET A 425 -19.37 6.36 14.90
CA MET A 425 -19.99 5.34 14.06
C MET A 425 -21.14 4.70 14.78
N ALA A 426 -20.92 4.31 16.04
CA ALA A 426 -21.99 3.72 16.82
C ALA A 426 -23.30 4.47 16.49
N ALA A 427 -23.23 5.80 16.44
CA ALA A 427 -24.40 6.61 16.11
C ALA A 427 -24.82 6.39 14.66
N LEU A 428 -23.90 6.55 13.71
CA LEU A 428 -24.23 6.37 12.32
C LEU A 428 -24.83 4.99 12.12
N GLU A 429 -24.88 4.22 13.21
CA GLU A 429 -25.47 2.89 13.19
C GLU A 429 -26.85 3.10 13.79
N LYS A 430 -26.86 3.61 15.01
CA LYS A 430 -28.08 3.90 15.74
C LYS A 430 -28.81 5.02 15.00
N ASP A 431 -28.64 5.09 13.69
CA ASP A 431 -29.27 6.14 12.89
C ASP A 431 -29.64 5.64 11.51
N TYR A 432 -28.73 4.90 10.89
CA TYR A 432 -28.96 4.37 9.56
C TYR A 432 -29.74 3.09 9.63
N GLU A 433 -30.23 2.77 10.83
CA GLU A 433 -31.03 1.57 11.06
C GLU A 433 -32.29 2.05 11.77
N GLU A 434 -32.11 3.12 12.53
CA GLU A 434 -33.18 3.73 13.29
C GLU A 434 -34.17 4.40 12.32
N VAL A 435 -33.77 5.52 11.72
CA VAL A 435 -34.62 6.24 10.77
C VAL A 435 -35.52 5.27 10.02
N GLY A 436 -34.93 4.17 9.57
CA GLY A 436 -35.69 3.16 8.86
C GLY A 436 -35.93 1.97 9.77
N VAL A 437 -36.35 0.84 9.20
CA VAL A 437 -36.64 -0.39 9.96
C VAL A 437 -37.91 -0.16 10.76
N ASP A 438 -37.99 1.00 11.41
CA ASP A 438 -39.16 1.36 12.20
C ASP A 438 -40.07 2.37 11.48
N SER A 439 -41.37 2.06 11.47
CA SER A 439 -42.37 2.89 10.83
C SER A 439 -43.19 3.71 11.82
N ARG B 2 12.11 10.31 -2.93
CA ARG B 2 12.70 9.81 -1.69
C ARG B 2 13.94 8.95 -1.92
N GLU B 3 14.87 8.97 -0.95
CA GLU B 3 16.12 8.22 -1.03
C GLU B 3 16.44 7.27 0.14
N ILE B 4 17.01 6.10 -0.20
CA ILE B 4 17.39 5.09 0.79
C ILE B 4 18.91 4.95 0.74
N VAL B 5 19.52 4.58 1.88
CA VAL B 5 20.98 4.42 1.96
C VAL B 5 21.43 3.08 2.53
N HIS B 6 22.22 2.34 1.73
CA HIS B 6 22.74 1.00 2.07
C HIS B 6 24.06 1.04 2.87
N ILE B 7 24.26 0.09 3.78
CA ILE B 7 25.50 0.06 4.57
C ILE B 7 26.12 -1.35 4.73
N GLN B 8 26.25 -2.11 3.64
CA GLN B 8 26.85 -3.45 3.70
C GLN B 8 27.92 -3.54 4.79
N ALA B 9 27.59 -4.15 5.93
CA ALA B 9 28.56 -4.25 7.02
C ALA B 9 29.21 -5.61 7.18
N GLY B 10 30.54 -5.64 7.03
CA GLY B 10 31.28 -6.88 7.19
C GLY B 10 31.46 -7.69 5.92
N GLN B 11 32.28 -8.73 5.97
CA GLN B 11 32.48 -9.57 4.79
C GLN B 11 31.10 -9.95 4.27
N CYS B 12 30.39 -10.76 5.05
CA CYS B 12 29.04 -11.20 4.69
C CYS B 12 28.27 -10.09 4.00
N GLY B 13 28.03 -8.98 4.70
CA GLY B 13 27.30 -7.87 4.11
C GLY B 13 27.96 -7.31 2.87
N ASN B 14 29.27 -7.35 2.82
CA ASN B 14 30.01 -6.84 1.67
C ASN B 14 29.93 -7.92 0.60
N GLN B 15 29.57 -9.11 1.03
CA GLN B 15 29.42 -10.21 0.09
C GLN B 15 27.96 -10.18 -0.38
N ILE B 16 27.02 -10.13 0.57
CA ILE B 16 25.60 -10.10 0.23
C ILE B 16 25.30 -8.85 -0.61
N GLY B 17 25.83 -7.72 -0.16
CA GLY B 17 25.64 -6.46 -0.86
C GLY B 17 26.20 -6.51 -2.27
N ALA B 18 27.46 -6.89 -2.38
CA ALA B 18 28.11 -6.99 -3.68
C ALA B 18 27.21 -7.74 -4.64
N LYS B 19 26.33 -8.57 -4.11
CA LYS B 19 25.39 -9.34 -4.92
C LYS B 19 24.04 -8.61 -5.00
N PHE B 20 23.76 -7.77 -4.00
CA PHE B 20 22.52 -6.98 -3.94
C PHE B 20 22.70 -5.90 -4.99
N TRP B 21 23.79 -5.15 -4.85
CA TRP B 21 24.13 -4.10 -5.79
C TRP B 21 24.43 -4.69 -7.19
N GLU B 22 24.44 -6.01 -7.28
CA GLU B 22 24.67 -6.74 -8.53
C GLU B 22 23.30 -7.18 -9.08
N VAL B 23 22.24 -6.66 -8.49
CA VAL B 23 20.89 -7.01 -8.88
C VAL B 23 20.08 -5.73 -9.06
N ILE B 24 20.21 -4.85 -8.09
CA ILE B 24 19.53 -3.56 -8.10
C ILE B 24 20.24 -2.71 -9.15
N SER B 25 21.41 -3.18 -9.56
CA SER B 25 22.20 -2.51 -10.58
C SER B 25 21.65 -2.92 -11.95
N ASP B 26 21.84 -4.19 -12.27
CA ASP B 26 21.34 -4.73 -13.53
C ASP B 26 19.89 -4.33 -13.79
N GLU B 27 19.05 -4.44 -12.75
CA GLU B 27 17.62 -4.08 -12.83
C GLU B 27 17.46 -2.63 -13.31
N HIS B 28 18.56 -1.89 -13.33
CA HIS B 28 18.57 -0.50 -13.76
C HIS B 28 19.52 -0.29 -14.95
N GLY B 29 20.02 -1.40 -15.51
CA GLY B 29 20.94 -1.29 -16.62
C GLY B 29 22.09 -0.35 -16.27
N ILE B 30 22.85 -0.71 -15.24
CA ILE B 30 23.97 0.13 -14.80
C ILE B 30 25.29 -0.62 -14.66
N ASP B 31 26.07 -0.58 -15.74
CA ASP B 31 27.36 -1.24 -15.83
C ASP B 31 28.24 -0.95 -14.61
N PRO B 32 29.31 -1.74 -14.43
CA PRO B 32 30.25 -1.58 -13.31
C PRO B 32 30.41 -0.15 -12.77
N THR B 33 30.75 0.80 -13.62
CA THR B 33 30.92 2.21 -13.18
C THR B 33 30.38 3.15 -14.25
N GLY B 34 30.07 2.58 -15.42
CA GLY B 34 29.57 3.32 -16.57
C GLY B 34 28.32 4.15 -16.33
N SER B 35 27.22 3.79 -16.99
CA SER B 35 26.01 4.55 -16.80
C SER B 35 24.69 3.90 -17.19
N TYR B 36 23.64 4.72 -17.19
CA TYR B 36 22.29 4.27 -17.50
C TYR B 36 22.09 3.69 -18.89
N HIS B 37 22.79 2.60 -19.20
CA HIS B 37 22.62 1.96 -20.49
C HIS B 37 21.31 1.19 -20.37
N GLY B 38 20.36 1.76 -19.62
CA GLY B 38 19.07 1.13 -19.38
C GLY B 38 18.22 0.73 -20.58
N ASP B 39 17.77 -0.53 -20.58
CA ASP B 39 16.91 -1.04 -21.66
C ASP B 39 15.69 -0.13 -21.65
N SER B 40 15.21 0.15 -20.45
CA SER B 40 14.06 1.02 -20.26
C SER B 40 14.50 2.47 -20.09
N ASP B 41 13.53 3.37 -20.12
CA ASP B 41 13.76 4.80 -19.95
C ASP B 41 13.11 5.13 -18.61
N LEU B 42 12.71 4.07 -17.90
CA LEU B 42 12.07 4.19 -16.60
C LEU B 42 13.04 3.76 -15.52
N GLN B 43 13.95 2.86 -15.87
CA GLN B 43 14.95 2.38 -14.93
C GLN B 43 15.85 3.53 -14.47
N LEU B 44 15.35 4.78 -14.54
CA LEU B 44 16.16 5.91 -14.10
C LEU B 44 15.44 7.24 -13.84
N GLU B 45 14.58 7.25 -12.83
CA GLU B 45 13.86 8.44 -12.40
C GLU B 45 13.68 8.34 -10.88
N ARG B 46 13.64 7.11 -10.39
CA ARG B 46 13.48 6.83 -8.97
C ARG B 46 14.79 6.24 -8.43
N ILE B 47 15.84 6.24 -9.25
CA ILE B 47 17.14 5.71 -8.81
C ILE B 47 17.65 6.52 -7.62
N ASN B 48 17.08 7.71 -7.42
CA ASN B 48 17.44 8.59 -6.31
C ASN B 48 17.04 7.89 -5.03
N VAL B 49 16.82 6.59 -5.12
CA VAL B 49 16.46 5.82 -3.94
C VAL B 49 17.73 5.09 -3.52
N TYR B 50 18.55 4.75 -4.52
CA TYR B 50 19.80 4.05 -4.26
C TYR B 50 21.06 4.70 -4.79
N TYR B 51 20.95 5.50 -5.84
CA TYR B 51 22.14 6.12 -6.41
C TYR B 51 22.31 7.61 -6.14
N ASN B 52 23.45 8.15 -6.55
CA ASN B 52 23.72 9.56 -6.38
C ASN B 52 24.23 10.15 -7.71
N GLU B 53 24.04 11.46 -7.87
CA GLU B 53 24.43 12.15 -9.11
C GLU B 53 25.63 13.13 -9.07
N ALA B 54 26.85 12.59 -9.22
CA ALA B 54 28.08 13.40 -9.21
C ALA B 54 28.61 13.73 -10.61
N ALA B 55 29.48 12.86 -11.13
CA ALA B 55 30.03 13.04 -12.47
C ALA B 55 28.92 12.83 -13.49
N GLY B 56 27.72 13.29 -13.14
CA GLY B 56 26.58 13.15 -14.02
C GLY B 56 26.47 11.74 -14.56
N ASN B 57 27.10 11.51 -15.71
CA ASN B 57 27.07 10.19 -16.36
C ASN B 57 27.47 9.08 -15.38
N LYS B 58 28.30 9.42 -14.40
CA LYS B 58 28.73 8.45 -13.39
C LYS B 58 27.92 8.61 -12.10
N TYR B 59 27.30 7.50 -11.68
CA TYR B 59 26.51 7.45 -10.45
C TYR B 59 27.38 6.80 -9.36
N VAL B 60 26.93 6.88 -8.12
CA VAL B 60 27.65 6.29 -6.99
C VAL B 60 26.66 5.58 -6.08
N PRO B 61 26.57 4.25 -6.15
CA PRO B 61 25.62 3.58 -5.26
C PRO B 61 25.74 4.11 -3.84
N ARG B 62 24.75 4.90 -3.41
CA ARG B 62 24.75 5.51 -2.08
C ARG B 62 24.74 4.49 -0.95
N ALA B 63 25.91 3.94 -0.67
CA ALA B 63 26.05 2.94 0.38
C ALA B 63 27.48 2.92 0.85
N ILE B 64 27.66 2.55 2.12
CA ILE B 64 28.99 2.46 2.70
C ILE B 64 29.25 0.99 3.00
N LEU B 65 30.53 0.63 3.11
CA LEU B 65 30.92 -0.72 3.43
C LEU B 65 31.92 -0.64 4.58
N VAL B 66 31.64 -1.36 5.65
CA VAL B 66 32.50 -1.36 6.83
C VAL B 66 33.08 -2.76 7.04
N ASP B 67 34.11 -2.88 7.87
CA ASP B 67 34.76 -4.17 8.13
C ASP B 67 35.92 -4.00 9.14
N LEU B 68 36.72 -5.06 9.32
CA LEU B 68 37.85 -5.01 10.25
C LEU B 68 38.86 -6.10 9.86
N GLU B 69 38.96 -6.35 8.57
CA GLU B 69 39.85 -7.36 8.03
C GLU B 69 39.79 -7.13 6.53
N PRO B 70 40.63 -6.22 6.02
CA PRO B 70 40.68 -5.88 4.59
C PRO B 70 40.44 -7.05 3.60
N GLY B 71 40.90 -8.23 3.96
CA GLY B 71 40.76 -9.39 3.12
C GLY B 71 39.43 -9.65 2.42
N THR B 72 38.41 -8.83 2.67
CA THR B 72 37.13 -9.07 2.00
C THR B 72 36.73 -7.88 1.13
N MET B 73 36.91 -6.68 1.66
CA MET B 73 36.57 -5.48 0.91
C MET B 73 37.40 -5.43 -0.36
N ASP B 74 38.69 -5.71 -0.23
CA ASP B 74 39.54 -5.71 -1.41
C ASP B 74 39.00 -6.74 -2.38
N SER B 75 38.44 -7.82 -1.85
CA SER B 75 37.88 -8.86 -2.69
C SER B 75 36.86 -8.18 -3.58
N VAL B 76 36.01 -7.38 -2.95
CA VAL B 76 34.96 -6.67 -3.65
C VAL B 76 35.52 -5.72 -4.71
N ARG B 77 36.14 -4.63 -4.26
CA ARG B 77 36.72 -3.63 -5.15
C ARG B 77 37.74 -4.17 -6.14
N SER B 78 38.63 -5.05 -5.71
CA SER B 78 39.59 -5.61 -6.66
C SER B 78 38.88 -6.74 -7.42
N GLY B 79 37.55 -6.75 -7.34
CA GLY B 79 36.78 -7.78 -8.02
C GLY B 79 35.84 -7.22 -9.07
N PRO B 80 34.77 -7.96 -9.44
CA PRO B 80 33.84 -7.45 -10.46
C PRO B 80 33.24 -6.10 -10.10
N PHE B 81 31.92 -5.99 -10.12
CA PHE B 81 31.26 -4.73 -9.81
C PHE B 81 32.04 -3.84 -8.83
N GLY B 82 32.82 -4.49 -7.96
CA GLY B 82 33.65 -3.83 -6.96
C GLY B 82 33.94 -2.34 -7.14
N GLN B 83 34.42 -1.97 -8.32
CA GLN B 83 34.73 -0.57 -8.58
C GLN B 83 33.50 0.17 -9.13
N ILE B 84 32.99 1.09 -8.31
CA ILE B 84 31.81 1.92 -8.64
C ILE B 84 31.37 2.72 -7.41
N PHE B 85 31.79 2.27 -6.23
CA PHE B 85 31.48 2.98 -5.00
C PHE B 85 32.71 3.86 -4.74
N ARG B 86 32.52 5.16 -4.59
CA ARG B 86 33.67 6.03 -4.36
C ARG B 86 34.59 5.40 -3.32
N PRO B 87 35.86 5.82 -3.30
CA PRO B 87 36.82 5.27 -2.34
C PRO B 87 36.36 5.48 -0.88
N ASP B 88 36.29 6.74 -0.46
CA ASP B 88 35.86 7.06 0.88
C ASP B 88 34.65 6.22 1.29
N ASN B 89 33.83 5.84 0.31
CA ASN B 89 32.64 5.04 0.55
C ASN B 89 32.98 3.72 1.25
N PHE B 90 34.26 3.56 1.58
CA PHE B 90 34.73 2.36 2.25
C PHE B 90 35.18 2.76 3.65
N VAL B 91 34.92 1.89 4.62
CA VAL B 91 35.30 2.12 6.02
C VAL B 91 35.71 0.74 6.52
N PHE B 92 36.80 0.69 7.26
CA PHE B 92 37.30 -0.60 7.78
C PHE B 92 38.53 -0.40 8.64
N GLY B 93 39.05 -1.50 9.16
CA GLY B 93 40.22 -1.40 10.01
C GLY B 93 41.17 -2.56 9.75
N GLN B 94 42.45 -2.34 10.05
CA GLN B 94 43.46 -3.37 9.87
C GLN B 94 43.54 -4.12 11.20
N SER B 95 42.52 -3.87 12.02
CA SER B 95 42.42 -4.46 13.34
C SER B 95 42.01 -5.93 13.32
N GLY B 96 42.23 -6.58 14.46
CA GLY B 96 41.85 -7.98 14.59
C GLY B 96 40.35 -8.18 14.53
N ALA B 97 39.78 -8.30 13.33
CA ALA B 97 38.35 -8.51 13.15
C ALA B 97 37.74 -9.51 14.15
N GLY B 98 38.34 -10.71 14.19
CA GLY B 98 37.87 -11.77 15.07
C GLY B 98 36.46 -12.22 14.68
N ASN B 99 35.78 -12.87 15.60
CA ASN B 99 34.41 -13.32 15.40
C ASN B 99 33.79 -12.98 16.73
N ASN B 100 34.38 -11.95 17.32
CA ASN B 100 33.99 -11.40 18.60
C ASN B 100 33.04 -10.21 18.37
N TRP B 101 31.82 -10.33 18.87
CA TRP B 101 30.82 -9.28 18.74
C TRP B 101 31.34 -8.06 19.53
N ALA B 102 31.85 -8.35 20.73
CA ALA B 102 32.39 -7.36 21.65
C ALA B 102 33.51 -6.57 21.02
N LYS B 103 34.13 -7.13 19.99
CA LYS B 103 35.21 -6.45 19.31
C LYS B 103 34.68 -5.58 18.19
N GLY B 104 33.54 -5.95 17.64
CA GLY B 104 32.98 -5.14 16.58
C GLY B 104 32.12 -4.02 17.11
N HIS B 105 31.72 -4.14 18.39
CA HIS B 105 30.85 -3.15 19.03
C HIS B 105 31.52 -2.50 20.25
N TYR B 106 32.82 -2.70 20.41
CA TYR B 106 33.49 -2.12 21.56
C TYR B 106 34.97 -1.79 21.28
N THR B 107 35.86 -2.57 21.89
CA THR B 107 37.30 -2.38 21.77
C THR B 107 37.83 -1.92 20.40
N GLU B 108 37.18 -2.37 19.32
CA GLU B 108 37.63 -2.01 17.97
C GLU B 108 36.53 -1.47 17.06
N GLY B 109 35.38 -2.15 17.03
CA GLY B 109 34.27 -1.70 16.20
C GLY B 109 33.93 -0.23 16.41
N ALA B 110 34.03 0.22 17.66
CA ALA B 110 33.77 1.60 18.02
C ALA B 110 34.72 2.47 17.19
N GLU B 111 35.98 2.52 17.62
CA GLU B 111 37.04 3.28 16.95
C GLU B 111 37.04 3.03 15.43
N LEU B 112 35.93 3.37 14.78
CA LEU B 112 35.78 3.17 13.36
C LEU B 112 34.40 3.65 12.96
N VAL B 113 33.54 3.79 13.97
CA VAL B 113 32.17 4.23 13.79
C VAL B 113 32.06 5.74 13.63
N ASP B 114 32.80 6.46 14.46
CA ASP B 114 32.79 7.92 14.42
C ASP B 114 33.28 8.45 13.08
N SER B 115 33.77 7.54 12.25
CA SER B 115 34.26 7.87 10.92
C SER B 115 33.27 7.27 9.90
N VAL B 116 32.50 6.29 10.35
CA VAL B 116 31.50 5.62 9.52
C VAL B 116 30.23 6.45 9.60
N LEU B 117 30.01 7.07 10.76
CA LEU B 117 28.84 7.92 11.00
C LEU B 117 29.04 9.20 10.17
N ASP B 118 30.26 9.73 10.25
CA ASP B 118 30.67 10.93 9.52
C ASP B 118 30.35 10.67 8.04
N VAL B 119 30.72 9.49 7.56
CA VAL B 119 30.46 9.10 6.17
C VAL B 119 28.97 9.16 5.80
N VAL B 120 28.18 8.31 6.42
CA VAL B 120 26.74 8.21 6.17
C VAL B 120 25.99 9.54 6.00
N ARG B 121 26.26 10.51 6.88
CA ARG B 121 25.60 11.83 6.84
C ARG B 121 25.95 12.57 5.55
N LYS B 122 27.21 12.44 5.16
CA LYS B 122 27.71 13.03 3.92
C LYS B 122 26.78 12.54 2.83
N GLU B 123 26.06 11.46 3.13
CA GLU B 123 25.09 10.87 2.22
C GLU B 123 23.69 11.19 2.70
N SER B 124 23.49 11.22 4.01
CA SER B 124 22.18 11.52 4.58
C SER B 124 21.77 12.91 4.12
N GLU B 125 22.78 13.77 3.97
CA GLU B 125 22.56 15.13 3.53
C GLU B 125 22.68 15.18 2.00
N SER B 126 22.39 14.05 1.36
CA SER B 126 22.44 13.98 -0.10
C SER B 126 21.43 15.00 -0.57
N CYS B 127 20.20 14.55 -0.86
CA CYS B 127 19.15 15.47 -1.27
C CYS B 127 17.74 14.91 -1.35
N ASP B 128 16.78 15.75 -0.92
CA ASP B 128 15.36 15.40 -0.88
C ASP B 128 15.08 14.56 0.37
N CYS B 129 13.82 14.19 0.54
CA CYS B 129 13.44 13.42 1.72
C CYS B 129 13.85 11.94 1.60
N LEU B 130 14.89 11.54 2.34
CA LEU B 130 15.33 10.16 2.31
C LEU B 130 14.31 9.28 3.01
N GLN B 131 14.11 8.09 2.48
CA GLN B 131 13.15 7.18 3.07
C GLN B 131 13.74 6.49 4.30
N GLY B 132 14.91 5.89 4.15
CA GLY B 132 15.53 5.23 5.29
C GLY B 132 16.87 4.61 4.95
N PHE B 133 17.28 3.60 5.72
CA PHE B 133 18.56 2.92 5.49
C PHE B 133 18.47 1.41 5.21
N GLN B 134 19.42 0.90 4.44
CA GLN B 134 19.46 -0.52 4.10
C GLN B 134 20.72 -1.15 4.66
N LEU B 135 20.62 -1.87 5.77
CA LEU B 135 21.83 -2.47 6.32
C LEU B 135 21.82 -3.99 6.25
N THR B 136 22.63 -4.53 5.36
CA THR B 136 22.73 -5.98 5.20
C THR B 136 23.92 -6.51 5.97
N HIS B 137 23.73 -7.64 6.64
CA HIS B 137 24.82 -8.20 7.41
C HIS B 137 24.45 -9.58 7.98
N SER B 138 25.35 -10.14 8.79
CA SER B 138 25.12 -11.43 9.43
C SER B 138 25.24 -11.32 10.95
N LEU B 139 24.38 -12.05 11.65
CA LEU B 139 24.34 -12.04 13.12
C LEU B 139 25.13 -13.16 13.81
N GLY B 140 26.17 -13.69 13.16
CA GLY B 140 26.93 -14.75 13.80
C GLY B 140 28.44 -14.60 13.70
N GLY B 141 28.89 -13.62 12.91
CA GLY B 141 30.30 -13.38 12.71
C GLY B 141 30.97 -12.36 13.62
N GLY B 142 31.11 -11.13 13.14
CA GLY B 142 31.76 -10.11 13.95
C GLY B 142 31.62 -8.70 13.43
N THR B 143 32.45 -8.32 12.46
CA THR B 143 32.42 -6.98 11.88
C THR B 143 31.04 -6.58 11.36
N GLY B 144 30.08 -7.49 11.41
CA GLY B 144 28.74 -7.20 10.94
C GLY B 144 27.72 -7.17 12.07
N SER B 145 27.91 -8.03 13.06
CA SER B 145 26.98 -8.13 14.20
C SER B 145 27.04 -6.95 15.18
N GLY B 146 28.06 -6.93 16.02
CA GLY B 146 28.19 -5.84 16.98
C GLY B 146 28.57 -4.56 16.30
N MET B 147 29.30 -4.68 15.21
CA MET B 147 29.72 -3.52 14.47
C MET B 147 28.50 -2.90 13.80
N GLY B 148 27.61 -3.75 13.28
CA GLY B 148 26.42 -3.23 12.67
C GLY B 148 25.60 -2.62 13.78
N THR B 149 25.27 -3.43 14.77
CA THR B 149 24.46 -2.97 15.90
C THR B 149 24.88 -1.62 16.47
N LEU B 150 26.18 -1.37 16.52
CA LEU B 150 26.68 -0.09 17.05
C LEU B 150 26.29 1.06 16.12
N LEU B 151 25.99 0.70 14.87
CA LEU B 151 25.61 1.67 13.85
C LEU B 151 24.11 1.96 13.84
N ILE B 152 23.29 0.93 13.63
CA ILE B 152 21.86 1.13 13.62
C ILE B 152 21.43 1.72 14.96
N SER B 153 22.23 1.54 15.99
CA SER B 153 21.85 2.07 17.29
C SER B 153 22.47 3.45 17.50
N LYS B 154 23.13 3.96 16.48
CA LYS B 154 23.73 5.30 16.53
C LYS B 154 23.17 6.07 15.36
N ILE B 155 22.60 5.35 14.42
CA ILE B 155 21.97 5.95 13.26
C ILE B 155 20.67 6.58 13.78
N ARG B 156 19.89 5.80 14.56
CA ARG B 156 18.65 6.30 15.14
C ARG B 156 18.91 7.58 15.92
N GLU B 157 20.09 7.65 16.52
CA GLU B 157 20.45 8.82 17.32
C GLU B 157 20.47 10.08 16.44
N GLU B 158 20.57 9.89 15.13
CA GLU B 158 20.59 11.04 14.23
C GLU B 158 19.47 11.01 13.20
N TYR B 159 18.67 9.96 13.23
CA TYR B 159 17.57 9.82 12.27
C TYR B 159 16.34 9.11 12.85
N PRO B 160 15.88 9.53 14.04
CA PRO B 160 14.72 8.94 14.73
C PRO B 160 13.44 8.94 13.90
N ASP B 161 13.47 9.65 12.78
CA ASP B 161 12.32 9.75 11.90
C ASP B 161 12.33 8.67 10.82
N ARG B 162 13.38 8.70 10.00
CA ARG B 162 13.54 7.74 8.92
C ARG B 162 13.24 6.31 9.35
N ILE B 163 13.02 5.44 8.37
CA ILE B 163 12.71 4.04 8.63
C ILE B 163 13.97 3.21 8.68
N MET B 164 14.01 2.28 9.63
CA MET B 164 15.16 1.41 9.85
C MET B 164 14.99 -0.01 9.31
N ASN B 165 15.77 -0.35 8.28
CA ASN B 165 15.69 -1.67 7.68
C ASN B 165 16.88 -2.55 8.03
N THR B 166 16.89 -3.77 7.50
CA THR B 166 17.96 -4.73 7.78
C THR B 166 17.61 -6.13 7.29
N PHE B 167 18.54 -6.74 6.57
CA PHE B 167 18.40 -8.12 6.09
C PHE B 167 19.51 -8.87 6.80
N SER B 168 19.31 -9.06 8.10
CA SER B 168 20.27 -9.73 8.95
C SER B 168 20.29 -11.25 8.77
N VAL B 169 21.48 -11.78 8.49
CA VAL B 169 21.65 -13.20 8.30
C VAL B 169 21.76 -13.95 9.63
N VAL B 170 20.62 -14.44 10.11
CA VAL B 170 20.57 -15.21 11.34
C VAL B 170 21.22 -16.58 11.09
N PRO B 171 22.04 -17.06 12.06
CA PRO B 171 22.74 -18.34 12.00
C PRO B 171 21.86 -19.50 11.59
N SER B 172 22.28 -20.17 10.52
CA SER B 172 21.54 -21.31 9.99
C SER B 172 21.25 -22.33 11.07
N PRO B 173 20.10 -22.98 11.00
CA PRO B 173 19.64 -24.00 11.94
C PRO B 173 20.51 -25.22 12.09
N LYS B 174 21.17 -25.65 11.00
CA LYS B 174 22.01 -26.86 11.01
C LYS B 174 23.51 -26.62 11.22
N VAL B 175 24.13 -25.97 10.25
CA VAL B 175 25.57 -25.76 10.34
C VAL B 175 26.00 -24.31 10.30
N SER B 176 26.63 -23.90 11.41
CA SER B 176 27.12 -22.55 11.56
C SER B 176 28.48 -22.46 10.91
N ASP B 177 28.76 -21.33 10.28
CA ASP B 177 30.04 -21.13 9.63
C ASP B 177 30.96 -20.51 10.66
N THR B 178 30.54 -20.61 11.91
CA THR B 178 31.30 -20.04 13.02
C THR B 178 31.22 -20.98 14.23
N VAL B 179 31.79 -20.53 15.35
CA VAL B 179 31.76 -21.30 16.58
C VAL B 179 30.89 -20.57 17.58
N VAL B 180 31.25 -19.33 17.86
CA VAL B 180 30.48 -18.50 18.78
C VAL B 180 29.25 -17.92 18.10
N GLU B 181 28.57 -18.76 17.31
CA GLU B 181 27.37 -18.33 16.60
C GLU B 181 26.40 -17.62 17.55
N PRO B 182 25.79 -18.39 18.49
CA PRO B 182 24.85 -17.81 19.44
C PRO B 182 25.30 -16.54 20.13
N TYR B 183 26.57 -16.44 20.47
CA TYR B 183 27.04 -15.23 21.13
C TYR B 183 26.82 -14.01 20.27
N ASN B 184 27.52 -13.92 19.15
CA ASN B 184 27.36 -12.76 18.29
C ASN B 184 25.90 -12.50 17.97
N ALA B 185 25.10 -13.57 17.94
CA ALA B 185 23.67 -13.46 17.65
C ALA B 185 22.98 -12.63 18.74
N THR B 186 22.45 -13.31 19.75
CA THR B 186 21.77 -12.64 20.86
C THR B 186 22.25 -11.22 21.08
N LEU B 187 23.56 -11.10 21.23
CA LEU B 187 24.15 -9.80 21.46
C LEU B 187 23.82 -8.84 20.33
N SER B 188 23.77 -9.37 19.11
CA SER B 188 23.45 -8.55 17.94
C SER B 188 22.00 -7.98 17.90
N VAL B 189 21.00 -8.85 17.74
CA VAL B 189 19.60 -8.41 17.68
C VAL B 189 19.27 -7.54 18.88
N HIS B 190 19.97 -7.78 19.98
CA HIS B 190 19.78 -7.00 21.18
C HIS B 190 19.69 -5.56 20.73
N GLN B 191 20.48 -5.23 19.72
CA GLN B 191 20.49 -3.89 19.16
C GLN B 191 19.47 -3.69 18.05
N LEU B 192 19.26 -4.69 17.20
CA LEU B 192 18.29 -4.56 16.12
C LEU B 192 16.84 -4.47 16.65
N VAL B 193 16.41 -5.51 17.37
CA VAL B 193 15.07 -5.59 17.96
C VAL B 193 14.58 -4.26 18.46
N GLU B 194 15.51 -3.35 18.70
CA GLU B 194 15.14 -2.06 19.20
C GLU B 194 15.96 -0.92 18.64
N ASN B 195 16.11 -0.92 17.32
CA ASN B 195 16.84 0.12 16.61
C ASN B 195 16.42 0.02 15.15
N THR B 196 15.77 -1.10 14.81
CA THR B 196 15.25 -1.37 13.47
C THR B 196 13.72 -1.35 13.59
N ASP B 197 13.01 -1.34 12.47
CA ASP B 197 11.54 -1.36 12.48
C ASP B 197 11.03 -2.29 11.38
N GLU B 198 11.96 -3.12 10.90
CA GLU B 198 11.75 -4.12 9.86
C GLU B 198 13.07 -4.90 9.74
N THR B 199 13.02 -6.23 9.81
CA THR B 199 14.25 -7.02 9.68
C THR B 199 13.97 -8.37 9.05
N TYR B 200 14.37 -8.53 7.79
CA TYR B 200 14.16 -9.78 7.08
C TYR B 200 15.26 -10.72 7.51
N CYS B 201 14.86 -11.73 8.26
CA CYS B 201 15.80 -12.73 8.76
C CYS B 201 16.09 -13.68 7.62
N ILE B 202 17.37 -13.94 7.38
CA ILE B 202 17.76 -14.85 6.31
C ILE B 202 18.54 -16.03 6.87
N ASP B 203 18.23 -17.22 6.39
CA ASP B 203 18.90 -18.43 6.84
C ASP B 203 19.76 -19.04 5.74
N ASN B 204 21.07 -18.98 5.92
CA ASN B 204 21.99 -19.52 4.95
C ASN B 204 21.61 -20.94 4.52
N GLU B 205 20.84 -21.66 5.33
CA GLU B 205 20.44 -23.04 4.98
C GLU B 205 19.24 -23.06 4.05
N ALA B 206 18.18 -22.39 4.48
CA ALA B 206 16.97 -22.33 3.67
C ALA B 206 17.37 -22.03 2.24
N LEU B 207 18.15 -20.97 2.03
CA LEU B 207 18.59 -20.60 0.69
C LEU B 207 19.26 -21.78 -0.02
N TYR B 208 19.66 -22.80 0.75
CA TYR B 208 20.26 -24.02 0.22
C TYR B 208 19.10 -24.90 -0.16
N ASP B 209 18.27 -25.19 0.83
CA ASP B 209 17.08 -26.00 0.60
C ASP B 209 16.34 -25.39 -0.60
N ILE B 210 16.22 -24.08 -0.65
CA ILE B 210 15.50 -23.44 -1.74
C ILE B 210 16.30 -23.29 -3.02
N CYS B 211 17.46 -23.91 -3.07
CA CYS B 211 18.26 -23.80 -4.28
C CYS B 211 18.47 -25.20 -4.80
N PHE B 212 18.41 -26.16 -3.88
CA PHE B 212 18.60 -27.57 -4.23
C PHE B 212 17.27 -28.32 -4.46
N ARG B 213 16.17 -27.74 -3.99
CA ARG B 213 14.86 -28.35 -4.14
C ARG B 213 13.85 -27.50 -4.96
N THR B 214 13.92 -26.17 -4.85
CA THR B 214 13.01 -25.33 -5.61
C THR B 214 13.70 -25.18 -6.94
N LEU B 215 15.01 -25.33 -6.89
CA LEU B 215 15.81 -25.30 -8.08
C LEU B 215 16.42 -26.68 -8.00
N LYS B 216 17.35 -26.96 -8.89
CA LYS B 216 18.00 -28.25 -8.85
C LYS B 216 19.43 -28.01 -9.27
N LEU B 217 19.97 -26.92 -8.73
CA LEU B 217 21.34 -26.48 -8.95
C LEU B 217 22.23 -27.44 -8.17
N THR B 218 23.33 -27.87 -8.77
CA THR B 218 24.19 -28.83 -8.07
C THR B 218 25.42 -28.27 -7.33
N THR B 219 25.91 -27.10 -7.70
CA THR B 219 27.02 -26.53 -6.93
C THR B 219 26.62 -25.12 -6.51
N PRO B 220 25.58 -25.02 -5.65
CA PRO B 220 25.10 -23.72 -5.17
C PRO B 220 26.13 -22.95 -4.34
N THR B 221 26.85 -22.04 -4.97
CA THR B 221 27.83 -21.25 -4.24
C THR B 221 27.17 -20.02 -3.70
N TYR B 222 27.94 -19.24 -2.94
CA TYR B 222 27.43 -18.01 -2.36
C TYR B 222 26.89 -17.02 -3.38
N GLY B 223 27.57 -16.88 -4.52
CA GLY B 223 27.11 -15.96 -5.56
C GLY B 223 25.64 -16.19 -5.86
N ASP B 224 25.23 -17.44 -5.78
CA ASP B 224 23.83 -17.81 -6.00
C ASP B 224 23.03 -17.32 -4.78
N LEU B 225 23.51 -17.71 -3.60
CA LEU B 225 22.87 -17.34 -2.34
C LEU B 225 22.67 -15.84 -2.25
N ASN B 226 23.79 -15.09 -2.17
CA ASN B 226 23.73 -13.64 -2.11
C ASN B 226 23.01 -13.03 -3.26
N HIS B 227 22.83 -13.78 -4.38
CA HIS B 227 21.74 -13.45 -5.28
C HIS B 227 20.51 -13.74 -4.48
N LEU B 228 19.76 -14.86 -4.69
CA LEU B 228 18.49 -15.12 -3.98
C LEU B 228 18.02 -14.08 -2.99
N VAL B 229 18.92 -13.74 -2.05
CA VAL B 229 18.62 -12.71 -1.06
C VAL B 229 18.28 -11.48 -1.84
N SER B 230 19.25 -11.02 -2.62
CA SER B 230 19.13 -9.85 -3.47
C SER B 230 17.78 -9.70 -4.16
N ALA B 231 17.25 -10.79 -4.70
CA ALA B 231 15.93 -10.74 -5.36
C ALA B 231 14.93 -10.10 -4.42
N THR B 232 14.69 -10.73 -3.27
CA THR B 232 13.74 -10.17 -2.33
C THR B 232 14.24 -8.81 -1.92
N MET B 233 15.40 -8.75 -1.27
CA MET B 233 15.94 -7.47 -0.82
C MET B 233 15.71 -6.42 -1.89
N SER B 234 15.79 -6.85 -3.15
CA SER B 234 15.55 -5.98 -4.29
C SER B 234 14.07 -5.56 -4.27
N GLY B 235 13.20 -6.50 -4.65
CA GLY B 235 11.78 -6.25 -4.68
C GLY B 235 11.30 -5.26 -3.63
N VAL B 236 11.20 -5.70 -2.38
CA VAL B 236 10.76 -4.86 -1.28
C VAL B 236 11.01 -3.38 -1.56
N THR B 237 12.27 -2.97 -1.36
CA THR B 237 12.67 -1.58 -1.57
C THR B 237 12.87 -1.35 -3.07
N THR B 238 13.49 -0.23 -3.44
CA THR B 238 13.73 0.10 -4.84
C THR B 238 12.59 -0.25 -5.78
N CYS B 239 12.49 -1.52 -6.16
CA CYS B 239 11.43 -1.99 -7.05
C CYS B 239 10.11 -1.26 -6.75
N LEU B 240 9.78 -1.20 -5.47
CA LEU B 240 8.55 -0.56 -5.03
C LEU B 240 8.49 0.93 -5.35
N ARG B 241 9.61 1.50 -5.76
CA ARG B 241 9.70 2.91 -6.13
C ARG B 241 9.71 3.03 -7.64
N PHE B 242 8.63 2.53 -8.25
CA PHE B 242 8.40 2.57 -9.69
C PHE B 242 6.92 2.96 -9.70
N PRO B 243 6.30 3.00 -10.89
CA PRO B 243 4.88 3.37 -10.90
C PRO B 243 4.15 2.10 -10.48
N GLY B 244 3.22 2.21 -9.55
CA GLY B 244 2.49 1.05 -9.11
C GLY B 244 1.00 1.23 -9.05
N GLN B 245 0.26 0.26 -9.57
CA GLN B 245 -1.19 0.34 -9.56
C GLN B 245 -1.72 0.36 -8.13
N LEU B 246 -0.81 0.54 -7.19
CA LEU B 246 -1.16 0.57 -5.78
C LEU B 246 0.18 0.48 -5.00
N ASN B 247 1.16 1.26 -5.44
CA ASN B 247 2.49 1.21 -4.84
C ASN B 247 2.66 1.43 -3.36
N ALA B 248 3.71 0.81 -2.84
CA ALA B 248 4.10 0.84 -1.43
C ALA B 248 5.57 1.23 -1.26
N ASP B 249 6.03 1.21 -0.02
CA ASP B 249 7.40 1.60 0.31
C ASP B 249 7.65 1.30 1.78
N LEU B 250 8.92 1.18 2.17
CA LEU B 250 9.28 0.85 3.55
C LEU B 250 8.35 1.47 4.59
N ARG B 251 7.91 2.69 4.35
CA ARG B 251 7.00 3.35 5.26
C ARG B 251 5.74 2.50 5.44
N LYS B 252 4.94 2.39 4.39
CA LYS B 252 3.69 1.62 4.43
C LYS B 252 3.89 0.17 4.79
N LEU B 253 5.07 -0.35 4.48
CA LEU B 253 5.41 -1.73 4.81
C LEU B 253 5.54 -1.80 6.32
N ALA B 254 6.42 -0.99 6.89
CA ALA B 254 6.57 -1.00 8.34
C ALA B 254 5.25 -0.64 9.01
N VAL B 255 4.48 0.22 8.35
CA VAL B 255 3.18 0.68 8.85
C VAL B 255 2.07 -0.36 8.70
N ASN B 256 2.37 -1.41 7.96
CA ASN B 256 1.42 -2.48 7.74
C ASN B 256 2.07 -3.76 8.22
N MET B 257 3.40 -3.75 8.24
CA MET B 257 4.17 -4.91 8.63
C MET B 257 4.57 -5.01 10.09
N VAL B 258 4.45 -3.93 10.86
CA VAL B 258 4.86 -4.05 12.25
C VAL B 258 3.81 -3.57 13.23
N PRO B 259 2.81 -4.42 13.51
CA PRO B 259 1.73 -4.10 14.44
C PRO B 259 2.20 -3.40 15.72
N PHE B 260 2.93 -4.13 16.55
CA PHE B 260 3.43 -3.54 17.79
C PHE B 260 4.84 -3.05 17.61
N PRO B 261 5.20 -2.00 18.36
CA PRO B 261 6.51 -1.35 18.35
C PRO B 261 7.75 -2.18 18.12
N ARG B 262 7.76 -3.44 18.58
CA ARG B 262 8.92 -4.32 18.46
C ARG B 262 9.73 -4.34 17.16
N LEU B 263 9.34 -3.54 16.18
CA LEU B 263 10.05 -3.49 14.90
C LEU B 263 9.78 -4.79 14.16
N HIS B 264 9.73 -5.87 14.92
CA HIS B 264 9.48 -7.16 14.37
C HIS B 264 10.23 -7.52 13.10
N PHE B 265 10.61 -8.78 13.02
CA PHE B 265 11.38 -9.31 11.93
C PHE B 265 10.51 -10.08 10.97
N PHE B 266 10.97 -10.18 9.72
CA PHE B 266 10.18 -10.83 8.66
C PHE B 266 10.75 -12.13 8.10
N MET B 267 10.35 -12.45 6.88
CA MET B 267 10.80 -13.64 6.16
C MET B 267 10.58 -13.44 4.67
N PRO B 268 11.63 -13.07 3.91
CA PRO B 268 11.45 -12.86 2.48
C PRO B 268 11.16 -14.11 1.66
N GLY B 269 10.28 -13.98 0.68
CA GLY B 269 9.94 -15.10 -0.15
C GLY B 269 9.78 -14.63 -1.58
N PHE B 270 10.27 -15.41 -2.51
CA PHE B 270 10.11 -15.03 -3.89
C PHE B 270 9.09 -15.98 -4.41
N ALA B 271 8.44 -15.62 -5.51
CA ALA B 271 7.40 -16.44 -6.06
C ALA B 271 7.71 -17.12 -7.39
N PRO B 272 8.38 -16.42 -8.31
CA PRO B 272 8.71 -17.03 -9.61
C PRO B 272 10.03 -17.80 -9.74
N LEU B 273 10.48 -18.42 -8.65
CA LEU B 273 11.73 -19.18 -8.62
C LEU B 273 11.57 -20.34 -9.59
N THR B 274 12.58 -20.59 -10.44
CA THR B 274 12.44 -21.69 -11.39
C THR B 274 13.71 -22.50 -11.71
N SER B 275 13.53 -23.82 -11.79
CA SER B 275 14.60 -24.79 -12.05
C SER B 275 15.40 -24.71 -13.34
N ARG B 276 16.34 -23.74 -13.44
CA ARG B 276 17.27 -23.66 -14.59
C ARG B 276 16.62 -23.81 -15.95
N GLY B 277 17.36 -24.06 -17.05
CA GLY B 277 16.70 -24.41 -18.31
C GLY B 277 15.68 -25.52 -18.18
N SER B 278 15.79 -26.42 -17.18
CA SER B 278 14.80 -27.50 -17.06
C SER B 278 13.38 -26.97 -17.09
N GLN B 279 12.96 -26.21 -16.05
CA GLN B 279 11.63 -25.65 -16.03
C GLN B 279 11.37 -24.42 -16.88
N GLN B 280 10.89 -24.66 -18.10
CA GLN B 280 10.48 -23.58 -19.02
C GLN B 280 9.15 -23.23 -18.39
N TYR B 281 8.15 -24.04 -18.73
CA TYR B 281 6.80 -23.93 -18.22
C TYR B 281 6.41 -22.52 -17.75
N ARG B 282 6.25 -22.43 -16.42
CA ARG B 282 5.99 -21.15 -15.80
C ARG B 282 4.92 -20.40 -16.54
N ALA B 283 3.67 -20.89 -16.42
CA ALA B 283 2.54 -20.19 -17.02
C ALA B 283 2.38 -18.87 -16.34
N LEU B 284 3.07 -18.76 -15.19
CA LEU B 284 3.12 -17.54 -14.42
C LEU B 284 1.83 -16.73 -14.47
N THR B 285 0.89 -17.04 -13.59
CA THR B 285 -0.37 -16.32 -13.56
C THR B 285 -0.25 -15.36 -12.39
N VAL B 286 -1.03 -15.65 -11.37
CA VAL B 286 -1.02 -14.90 -10.13
C VAL B 286 -1.21 -15.98 -9.08
N PRO B 287 -1.97 -17.03 -9.40
CA PRO B 287 -2.16 -18.08 -8.41
C PRO B 287 -0.89 -18.92 -8.29
N GLU B 288 -0.12 -18.96 -9.37
CA GLU B 288 1.12 -19.74 -9.41
C GLU B 288 2.27 -18.90 -8.88
N LEU B 289 2.00 -17.61 -8.70
CA LEU B 289 2.95 -16.63 -8.18
C LEU B 289 2.56 -16.51 -6.71
N THR B 290 1.25 -16.46 -6.46
CA THR B 290 0.75 -16.40 -5.10
C THR B 290 0.79 -17.83 -4.56
N GLN B 291 1.11 -18.77 -5.45
CA GLN B 291 1.21 -20.16 -5.10
C GLN B 291 2.52 -20.33 -4.33
N GLN B 292 3.64 -20.05 -5.02
CA GLN B 292 4.95 -20.18 -4.39
C GLN B 292 4.92 -19.42 -3.09
N MET B 293 5.16 -18.11 -3.18
CA MET B 293 5.19 -17.22 -2.01
C MET B 293 4.84 -17.88 -0.66
N PHE B 294 3.55 -18.12 -0.44
CA PHE B 294 3.08 -18.71 0.83
C PHE B 294 3.38 -20.17 1.10
N ASP B 295 4.05 -20.84 0.16
CA ASP B 295 4.41 -22.25 0.33
C ASP B 295 5.34 -22.51 1.53
N ALA B 296 5.06 -23.59 2.26
CA ALA B 296 5.84 -23.97 3.46
C ALA B 296 7.36 -24.10 3.27
N LYS B 297 7.82 -23.80 2.07
CA LYS B 297 9.25 -23.84 1.75
C LYS B 297 9.44 -22.65 0.85
N ASN B 298 10.61 -22.50 0.24
CA ASN B 298 10.85 -21.36 -0.64
C ASN B 298 10.94 -20.05 0.17
N MET B 299 10.85 -20.17 1.49
CA MET B 299 10.95 -19.03 2.40
C MET B 299 12.40 -18.92 2.85
N MET B 300 12.95 -17.71 2.83
CA MET B 300 14.34 -17.54 3.22
C MET B 300 14.77 -18.04 4.59
N ALA B 301 13.94 -17.90 5.62
CA ALA B 301 14.30 -18.37 6.96
C ALA B 301 13.84 -19.82 7.19
N ALA B 302 14.74 -20.66 7.70
CA ALA B 302 14.44 -22.06 7.94
C ALA B 302 13.20 -22.28 8.81
N CYS B 303 12.70 -21.20 9.40
CA CYS B 303 11.51 -21.32 10.22
C CYS B 303 10.39 -21.83 9.34
N ASP B 304 9.41 -22.49 9.95
CA ASP B 304 8.30 -22.98 9.18
C ASP B 304 7.11 -22.06 9.29
N PRO B 305 6.73 -21.45 8.16
CA PRO B 305 5.58 -20.55 8.17
C PRO B 305 4.43 -21.35 8.72
N ARG B 306 4.43 -22.63 8.39
CA ARG B 306 3.41 -23.58 8.81
C ARG B 306 3.61 -23.99 10.27
N HIS B 307 4.42 -23.24 11.00
CA HIS B 307 4.66 -23.57 12.41
C HIS B 307 4.15 -22.49 13.34
N GLY B 308 3.54 -21.45 12.76
CA GLY B 308 2.99 -20.34 13.54
C GLY B 308 2.06 -19.43 12.73
N ARG B 309 1.21 -18.69 13.41
CA ARG B 309 0.28 -17.80 12.73
C ARG B 309 0.99 -16.75 11.87
N TYR B 310 0.18 -15.88 11.26
CA TYR B 310 0.67 -14.79 10.43
C TYR B 310 0.09 -13.48 10.95
N LEU B 311 0.96 -12.51 11.24
CA LEU B 311 0.49 -11.23 11.72
C LEU B 311 0.03 -10.40 10.52
N THR B 312 0.95 -10.01 9.65
CA THR B 312 0.61 -9.22 8.48
C THR B 312 1.44 -9.56 7.25
N VAL B 313 0.99 -10.51 6.46
CA VAL B 313 1.73 -10.84 5.26
C VAL B 313 1.68 -9.63 4.36
N ALA B 314 2.65 -9.51 3.47
CA ALA B 314 2.68 -8.37 2.59
C ALA B 314 3.32 -8.69 1.26
N ALA B 315 2.66 -9.55 0.50
CA ALA B 315 3.17 -9.94 -0.80
C ALA B 315 3.21 -8.74 -1.74
N VAL B 316 4.40 -8.43 -2.26
CA VAL B 316 4.56 -7.30 -3.19
C VAL B 316 4.58 -7.86 -4.62
N PHE B 317 3.55 -7.55 -5.40
CA PHE B 317 3.49 -8.01 -6.79
C PHE B 317 4.13 -6.97 -7.71
N ARG B 318 4.50 -7.38 -8.92
CA ARG B 318 5.13 -6.47 -9.87
C ARG B 318 5.21 -7.09 -11.27
N GLY B 319 4.39 -6.58 -12.19
CA GLY B 319 4.39 -7.08 -13.55
C GLY B 319 3.01 -7.17 -14.16
N ARG B 320 2.46 -6.02 -14.57
CA ARG B 320 1.13 -5.95 -15.17
C ARG B 320 0.27 -7.17 -14.90
N MET B 321 -0.79 -6.96 -14.12
CA MET B 321 -1.69 -8.04 -13.77
C MET B 321 -3.04 -7.52 -13.26
N SER B 322 -3.99 -8.44 -13.06
CA SER B 322 -5.31 -8.08 -12.59
C SER B 322 -5.39 -7.97 -11.08
N MET B 323 -5.91 -6.83 -10.61
CA MET B 323 -6.09 -6.59 -9.20
C MET B 323 -7.14 -7.62 -8.77
N LYS B 324 -8.16 -7.74 -9.62
CA LYS B 324 -9.27 -8.66 -9.42
C LYS B 324 -8.83 -10.06 -9.00
N GLU B 325 -7.74 -10.54 -9.57
CA GLU B 325 -7.26 -11.86 -9.19
C GLU B 325 -6.37 -11.74 -7.99
N VAL B 326 -5.58 -10.68 -7.94
CA VAL B 326 -4.68 -10.49 -6.81
C VAL B 326 -5.51 -10.66 -5.55
N ASP B 327 -6.53 -9.82 -5.41
CA ASP B 327 -7.39 -9.90 -4.25
C ASP B 327 -7.86 -11.34 -4.15
N GLU B 328 -8.50 -11.82 -5.20
CA GLU B 328 -9.01 -13.17 -5.23
C GLU B 328 -7.95 -14.14 -4.75
N GLN B 329 -6.81 -14.11 -5.41
CA GLN B 329 -5.71 -15.01 -5.05
C GLN B 329 -5.24 -14.81 -3.62
N MET B 330 -5.09 -13.55 -3.20
CA MET B 330 -4.64 -13.23 -1.83
C MET B 330 -5.78 -13.45 -0.85
N LEU B 331 -6.98 -13.65 -1.38
CA LEU B 331 -8.16 -13.87 -0.58
C LEU B 331 -8.35 -15.35 -0.34
N ASN B 332 -8.29 -16.09 -1.43
CA ASN B 332 -8.43 -17.54 -1.39
C ASN B 332 -7.29 -18.19 -0.62
N VAL B 333 -6.14 -17.51 -0.56
CA VAL B 333 -5.00 -18.05 0.19
C VAL B 333 -5.22 -17.67 1.63
N GLN B 334 -5.98 -16.60 1.81
CA GLN B 334 -6.29 -16.11 3.14
C GLN B 334 -7.41 -16.96 3.71
N ASN B 335 -8.32 -17.41 2.86
CA ASN B 335 -9.42 -18.26 3.30
C ASN B 335 -9.10 -19.76 3.28
N LYS B 336 -8.93 -20.32 2.10
CA LYS B 336 -8.63 -21.73 2.00
C LYS B 336 -7.49 -22.11 2.92
N ASN B 337 -6.90 -21.10 3.54
CA ASN B 337 -5.78 -21.31 4.46
C ASN B 337 -5.89 -20.50 5.75
N SER B 338 -7.06 -19.95 6.03
CA SER B 338 -7.28 -19.12 7.22
C SER B 338 -6.61 -19.61 8.52
N SER B 339 -6.12 -20.85 8.52
CA SER B 339 -5.48 -21.41 9.70
C SER B 339 -4.33 -20.58 10.28
N TYR B 340 -3.42 -20.15 9.41
CA TYR B 340 -2.26 -19.40 9.86
C TYR B 340 -2.27 -17.88 9.65
N PHE B 341 -3.46 -17.24 9.69
CA PHE B 341 -3.53 -15.80 9.47
C PHE B 341 -4.02 -14.87 10.56
N VAL B 342 -4.12 -15.34 11.79
CA VAL B 342 -4.56 -14.49 12.90
C VAL B 342 -5.90 -13.82 12.64
N GLU B 343 -6.76 -13.83 13.66
CA GLU B 343 -8.08 -13.22 13.56
C GLU B 343 -8.15 -11.79 14.08
N TRP B 344 -7.21 -11.38 14.93
CA TRP B 344 -7.25 -10.01 15.43
C TRP B 344 -6.76 -8.99 14.40
N ILE B 345 -6.70 -9.42 13.15
CA ILE B 345 -6.29 -8.57 12.03
C ILE B 345 -7.13 -9.04 10.86
N PRO B 346 -8.41 -8.68 10.87
CA PRO B 346 -9.39 -9.06 9.85
C PRO B 346 -8.87 -9.21 8.43
N ASN B 347 -7.87 -8.43 8.04
CA ASN B 347 -7.34 -8.56 6.69
C ASN B 347 -5.85 -8.34 6.68
N ASN B 348 -5.12 -9.39 7.07
CA ASN B 348 -3.66 -9.36 7.16
C ASN B 348 -3.02 -8.82 5.88
N VAL B 349 -3.01 -9.64 4.84
CA VAL B 349 -2.46 -9.27 3.55
C VAL B 349 -2.48 -7.77 3.22
N LYS B 350 -1.33 -7.28 2.76
CA LYS B 350 -1.13 -5.87 2.40
C LYS B 350 -0.63 -5.83 0.95
N THR B 351 -1.46 -6.30 0.03
CA THR B 351 -1.10 -6.31 -1.38
C THR B 351 -0.42 -5.03 -1.87
N ALA B 352 0.42 -5.18 -2.89
CA ALA B 352 1.12 -4.07 -3.49
C ALA B 352 1.43 -4.56 -4.89
N VAL B 353 1.07 -3.79 -5.91
CA VAL B 353 1.30 -4.23 -7.27
C VAL B 353 2.02 -3.18 -8.12
N CYS B 354 3.33 -3.32 -8.19
CA CYS B 354 4.16 -2.43 -8.99
C CYS B 354 3.73 -2.73 -10.44
N ASP B 355 4.48 -2.25 -11.41
CA ASP B 355 4.14 -2.50 -12.81
C ASP B 355 5.27 -3.21 -13.53
N ILE B 356 6.40 -2.54 -13.69
CA ILE B 356 7.54 -3.15 -14.36
C ILE B 356 8.01 -4.34 -13.52
N PRO B 357 8.38 -5.45 -14.18
CA PRO B 357 8.83 -6.64 -13.46
C PRO B 357 10.32 -6.94 -13.71
N PRO B 358 10.81 -8.07 -13.17
CA PRO B 358 12.19 -8.55 -13.32
C PRO B 358 12.47 -8.67 -14.82
N ARG B 359 13.64 -8.20 -15.25
CA ARG B 359 14.01 -8.23 -16.66
C ARG B 359 13.43 -9.42 -17.46
N GLY B 360 14.17 -10.52 -17.52
CA GLY B 360 13.66 -11.66 -18.27
C GLY B 360 12.55 -12.38 -17.54
N LEU B 361 11.62 -11.63 -16.95
CA LEU B 361 10.52 -12.24 -16.20
C LEU B 361 9.21 -11.50 -16.45
N LYS B 362 8.10 -12.23 -16.38
CA LYS B 362 6.81 -11.61 -16.58
C LYS B 362 6.25 -11.11 -15.25
N MET B 363 5.72 -12.02 -14.45
CA MET B 363 5.15 -11.65 -13.15
C MET B 363 5.98 -12.16 -11.98
N SER B 364 6.19 -11.29 -11.00
CA SER B 364 6.98 -11.62 -9.81
C SER B 364 6.18 -11.43 -8.52
N ALA B 365 6.69 -11.98 -7.41
CA ALA B 365 5.97 -11.84 -6.16
C ALA B 365 6.89 -11.89 -4.93
N THR B 366 7.49 -10.74 -4.61
CA THR B 366 8.34 -10.65 -3.44
C THR B 366 7.41 -10.89 -2.27
N PHE B 367 7.94 -11.42 -1.20
CA PHE B 367 7.14 -11.70 -0.04
C PHE B 367 7.82 -11.06 1.16
N ILE B 368 7.06 -10.90 2.24
CA ILE B 368 7.54 -10.33 3.49
C ILE B 368 6.57 -10.73 4.60
N GLY B 369 6.57 -11.99 5.01
CA GLY B 369 5.66 -12.39 6.06
C GLY B 369 6.19 -12.02 7.42
N ASN B 370 5.30 -11.63 8.32
CA ASN B 370 5.69 -11.25 9.67
C ASN B 370 5.02 -12.28 10.56
N SER B 371 5.34 -13.54 10.29
CA SER B 371 4.77 -14.63 11.03
C SER B 371 5.40 -14.87 12.38
N THR B 372 4.63 -15.51 13.25
CA THR B 372 5.04 -15.86 14.59
C THR B 372 5.82 -17.16 14.48
N ALA B 373 6.36 -17.39 13.29
CA ALA B 373 7.15 -18.57 12.99
C ALA B 373 8.64 -18.23 13.12
N ILE B 374 8.95 -16.95 13.34
CA ILE B 374 10.33 -16.51 13.50
C ILE B 374 10.68 -16.61 14.96
N GLN B 375 9.84 -17.31 15.69
CA GLN B 375 10.05 -17.55 17.10
C GLN B 375 10.74 -18.90 17.16
N GLU B 376 10.79 -19.57 16.01
CA GLU B 376 11.43 -20.89 15.87
C GLU B 376 12.97 -20.78 15.78
N LEU B 377 13.46 -19.61 15.40
CA LEU B 377 14.88 -19.36 15.28
C LEU B 377 15.29 -18.48 16.45
N PHE B 378 14.53 -17.41 16.67
CA PHE B 378 14.81 -16.50 17.77
C PHE B 378 14.81 -17.27 19.08
N LYS B 379 14.43 -18.54 18.99
CA LYS B 379 14.45 -19.42 20.15
C LYS B 379 15.78 -20.13 19.90
N ARG B 380 15.88 -20.76 18.74
CA ARG B 380 17.07 -21.51 18.31
C ARG B 380 18.38 -20.84 18.72
N ILE B 381 18.68 -19.70 18.10
CA ILE B 381 19.90 -18.97 18.37
C ILE B 381 20.01 -18.56 19.85
N SER B 382 18.94 -18.79 20.63
CA SER B 382 18.93 -18.42 22.04
C SER B 382 19.18 -19.60 22.96
N GLU B 383 18.71 -20.77 22.56
CA GLU B 383 18.90 -22.00 23.33
C GLU B 383 20.36 -22.43 23.23
N GLN B 384 21.02 -22.07 22.13
CA GLN B 384 22.42 -22.42 21.92
C GLN B 384 23.28 -21.60 22.89
N PHE B 385 22.78 -20.41 23.19
CA PHE B 385 23.43 -19.47 24.10
C PHE B 385 23.48 -20.02 25.52
N THR B 386 22.32 -20.09 26.16
CA THR B 386 22.22 -20.61 27.54
C THR B 386 23.27 -21.72 27.68
N ALA B 387 23.37 -22.56 26.65
CA ALA B 387 24.33 -23.64 26.64
C ALA B 387 25.68 -23.05 26.96
N MET B 388 26.41 -22.63 25.93
CA MET B 388 27.73 -22.07 26.13
C MET B 388 27.91 -20.97 27.15
N PHE B 389 26.88 -20.64 27.92
CA PHE B 389 27.07 -19.59 28.91
C PHE B 389 27.25 -20.24 30.28
N ARG B 390 26.46 -21.26 30.56
CA ARG B 390 26.55 -21.96 31.84
C ARG B 390 27.95 -22.57 32.01
N ARG B 391 28.79 -22.37 31.00
CA ARG B 391 30.15 -22.87 31.01
C ARG B 391 31.03 -21.70 30.56
N LYS B 392 30.45 -20.50 30.58
CA LYS B 392 31.13 -19.27 30.19
C LYS B 392 32.13 -19.52 29.08
N ALA B 393 31.77 -20.38 28.14
CA ALA B 393 32.65 -20.74 27.04
C ALA B 393 33.56 -19.63 26.55
N PHE B 394 33.46 -19.29 25.27
CA PHE B 394 34.34 -18.26 24.71
C PHE B 394 34.09 -16.90 25.31
N LEU B 395 33.54 -16.86 26.51
CA LEU B 395 33.25 -15.59 27.15
C LEU B 395 34.45 -14.64 27.23
N HIS B 396 35.65 -15.18 27.38
CA HIS B 396 36.83 -14.34 27.51
C HIS B 396 37.36 -13.65 26.26
N TRP B 397 36.72 -13.82 25.12
CA TRP B 397 37.18 -13.14 23.92
C TRP B 397 36.37 -11.87 23.85
N TYR B 398 35.28 -11.88 24.58
CA TYR B 398 34.40 -10.75 24.68
C TYR B 398 34.92 -9.93 25.86
N THR B 399 34.87 -10.52 27.05
CA THR B 399 35.35 -9.85 28.26
C THR B 399 36.66 -9.14 27.95
N GLY B 400 37.73 -9.91 27.77
CA GLY B 400 39.02 -9.32 27.46
C GLY B 400 38.91 -8.07 26.60
N GLU B 401 37.88 -8.01 25.77
CA GLU B 401 37.69 -6.86 24.92
C GLU B 401 36.80 -5.85 25.61
N GLY B 402 36.94 -5.77 26.92
CA GLY B 402 36.14 -4.84 27.69
C GLY B 402 34.65 -5.04 27.50
N MET B 403 34.05 -5.82 28.40
CA MET B 403 32.62 -6.08 28.35
C MET B 403 32.13 -6.59 29.67
N ASP B 404 30.91 -7.14 29.69
CA ASP B 404 30.38 -7.63 30.95
C ASP B 404 29.68 -8.95 30.87
N GLU B 405 29.44 -9.54 32.03
CA GLU B 405 28.75 -10.82 32.14
C GLU B 405 27.28 -10.51 32.33
N MET B 406 26.95 -9.23 32.47
CA MET B 406 25.57 -8.80 32.64
C MET B 406 24.97 -8.45 31.28
N GLU B 407 25.80 -7.89 30.40
CA GLU B 407 25.39 -7.52 29.05
C GLU B 407 24.96 -8.77 28.26
N PHE B 408 25.58 -9.91 28.56
CA PHE B 408 25.21 -11.16 27.91
C PHE B 408 23.91 -11.62 28.52
N THR B 409 23.66 -11.15 29.74
CA THR B 409 22.43 -11.48 30.45
C THR B 409 21.36 -10.62 29.81
N GLU B 410 21.70 -9.36 29.68
CA GLU B 410 20.86 -8.32 29.10
C GLU B 410 20.38 -8.75 27.72
N ALA B 411 21.25 -8.58 26.74
CA ALA B 411 20.96 -8.93 25.36
C ALA B 411 20.06 -10.15 25.21
N GLU B 412 20.43 -11.23 25.86
CA GLU B 412 19.65 -12.45 25.80
C GLU B 412 18.24 -12.20 26.29
N SER B 413 18.12 -11.80 27.55
CA SER B 413 16.81 -11.54 28.13
C SER B 413 16.03 -10.54 27.29
N ASN B 414 16.75 -9.66 26.61
CA ASN B 414 16.15 -8.64 25.76
C ASN B 414 15.56 -9.37 24.58
N MET B 415 16.44 -10.08 23.88
CA MET B 415 16.09 -10.85 22.71
C MET B 415 15.27 -12.08 23.08
N ASN B 416 15.18 -12.38 24.36
CA ASN B 416 14.43 -13.54 24.79
C ASN B 416 12.94 -13.29 24.88
N ASP B 417 12.54 -12.16 25.45
CA ASP B 417 11.11 -11.91 25.52
C ASP B 417 10.56 -11.69 24.11
N LEU B 418 11.45 -11.31 23.20
CA LEU B 418 11.08 -11.07 21.82
C LEU B 418 10.38 -12.30 21.28
N VAL B 419 10.65 -13.43 21.90
CA VAL B 419 10.03 -14.69 21.50
C VAL B 419 8.70 -14.73 22.24
N SER B 420 8.71 -14.17 23.45
CA SER B 420 7.52 -14.14 24.27
C SER B 420 6.44 -13.29 23.59
N GLU B 421 6.74 -12.01 23.33
CA GLU B 421 5.77 -11.15 22.67
C GLU B 421 5.37 -11.69 21.30
N TYR B 422 6.11 -12.67 20.78
CA TYR B 422 5.77 -13.27 19.50
C TYR B 422 4.85 -14.44 19.72
N GLN B 423 4.89 -14.99 20.93
CA GLN B 423 4.02 -16.11 21.27
C GLN B 423 2.69 -15.50 21.70
N GLN B 424 2.72 -14.19 21.98
CA GLN B 424 1.54 -13.43 22.41
C GLN B 424 0.60 -13.11 21.26
N TYR B 425 0.76 -13.80 20.14
CA TYR B 425 -0.08 -13.57 18.97
C TYR B 425 -0.24 -14.81 18.13
N GLN B 426 0.67 -15.75 18.32
CA GLN B 426 0.61 -17.02 17.62
C GLN B 426 -0.49 -17.80 18.35
N ASP B 427 -1.07 -17.16 19.36
CA ASP B 427 -2.12 -17.78 20.19
C ASP B 427 -3.14 -16.75 20.66
#